data_5YT3
#
_entry.id   5YT3
#
_cell.length_a   132.170
_cell.length_b   132.550
_cell.length_c   91.210
_cell.angle_alpha   90.00
_cell.angle_beta   90.00
_cell.angle_gamma   90.00
#
_symmetry.space_group_name_H-M   'P 21 21 2'
#
loop_
_entity.id
_entity.type
_entity.pdbx_description
1 polymer 'Mitogen-activated protein kinase kinase 1, isoform CRA_d'
2 non-polymer 'PHOSPHOAMINOPHOSPHONIC ACID-ADENYLATE ESTER'
3 non-polymer 'MAGNESIUM ION'
4 water water
#
_entity_poly.entity_id   1
_entity_poly.type   'polypeptide(L)'
_entity_poly.pdbx_seq_one_letter_code
;ELELDEQQRKRLEAFLTQKQKVGELKDDDFEKISELGAGNGGVVFKVSHKPSGLVMARKLIHLEIKPAIRNQIIRELQVL
HECNSPYIVGFYGAFYSDGEISICMEHMDGGSLDQVLKKAGRIPEQILGKVSIAVIKGLTYLREKHKIMHRDVKPSNILV
NSRGEIKLCDFGVSGQLIDDMANDFVGTRSYMSPERLQGTHYSVQSDIWSMGLSLVEMAVGRYPIPPPDAKELELMFGCQ
VEGDAAETPPRPRAPGRPLASYGMDSRPPMAIFELLDYIVNEPPPKLPSGVFSLEFQDFVNKCLIKNPAERADLKQLMVH
AFIKRSDAEEVDFAGWLCSTIGLNHHHHHH
;
_entity_poly.pdbx_strand_id   A,B,C,D
#
loop_
_chem_comp.id
_chem_comp.type
_chem_comp.name
_chem_comp.formula
ANP non-polymer 'PHOSPHOAMINOPHOSPHONIC ACID-ADENYLATE ESTER' 'C10 H17 N6 O12 P3'
MG non-polymer 'MAGNESIUM ION' 'Mg 2'
#
# COMPACT_ATOMS: atom_id res chain seq x y z
N GLU A 1 -47.69 2.33 -21.54
CA GLU A 1 -47.89 2.65 -20.10
C GLU A 1 -47.07 1.71 -19.21
N LEU A 2 -46.72 2.19 -18.00
CA LEU A 2 -45.88 1.44 -17.04
C LEU A 2 -46.08 1.79 -15.56
N GLU A 3 -46.67 0.82 -14.86
CA GLU A 3 -46.95 0.86 -13.41
C GLU A 3 -47.27 -0.59 -13.00
N LEU A 4 -46.73 -1.03 -11.86
CA LEU A 4 -46.78 -2.45 -11.47
C LEU A 4 -48.17 -3.11 -11.52
N ASP A 5 -48.36 -3.89 -12.59
CA ASP A 5 -49.42 -4.88 -12.73
C ASP A 5 -49.52 -5.73 -11.44
N GLU A 6 -50.75 -5.96 -10.97
CA GLU A 6 -51.02 -6.60 -9.67
C GLU A 6 -50.24 -7.91 -9.39
N GLN A 7 -50.07 -8.73 -10.42
CA GLN A 7 -49.33 -9.98 -10.34
C GLN A 7 -47.81 -9.76 -10.23
N GLN A 8 -47.34 -8.60 -10.72
CA GLN A 8 -45.92 -8.18 -10.66
C GLN A 8 -45.52 -7.64 -9.28
N ARG A 9 -46.40 -6.85 -8.67
CA ARG A 9 -46.20 -6.35 -7.30
C ARG A 9 -46.26 -7.51 -6.28
N LYS A 10 -47.08 -8.52 -6.61
CA LYS A 10 -47.14 -9.79 -5.84
C LYS A 10 -45.81 -10.60 -5.86
N ARG A 11 -44.96 -10.37 -6.86
CA ARG A 11 -43.64 -11.04 -6.98
C ARG A 11 -42.47 -10.19 -6.44
N LEU A 12 -42.66 -8.88 -6.42
CA LEU A 12 -41.65 -7.94 -5.95
C LEU A 12 -41.60 -7.90 -4.43
N GLU A 13 -42.78 -7.99 -3.81
CA GLU A 13 -42.93 -8.18 -2.37
C GLU A 13 -42.43 -9.58 -1.94
N ALA A 14 -42.78 -10.60 -2.75
CA ALA A 14 -42.31 -11.99 -2.60
C ALA A 14 -40.79 -12.06 -2.50
N PHE A 15 -40.13 -11.27 -3.34
CA PHE A 15 -38.68 -11.16 -3.34
C PHE A 15 -38.19 -10.43 -2.10
N LEU A 16 -38.69 -9.22 -1.92
CA LEU A 16 -38.19 -8.33 -0.87
C LEU A 16 -38.22 -8.94 0.54
N THR A 17 -39.21 -9.81 0.82
CA THR A 17 -39.27 -10.51 2.11
C THR A 17 -38.17 -11.58 2.19
N GLN A 18 -38.03 -12.38 1.15
CA GLN A 18 -36.93 -13.34 1.05
C GLN A 18 -35.54 -12.69 1.15
N LYS A 19 -35.44 -11.45 0.68
CA LYS A 19 -34.20 -10.67 0.75
C LYS A 19 -33.97 -10.12 2.17
N GLN A 20 -35.06 -9.80 2.85
CA GLN A 20 -35.06 -9.44 4.26
C GLN A 20 -34.59 -10.66 5.08
N LYS A 21 -35.01 -11.86 4.70
CA LYS A 21 -34.51 -13.13 5.29
C LYS A 21 -32.98 -13.42 5.12
N VAL A 22 -32.26 -12.57 4.38
CA VAL A 22 -30.85 -12.79 4.07
C VAL A 22 -29.86 -12.04 5.00
N GLY A 23 -30.00 -10.71 5.06
CA GLY A 23 -29.08 -9.84 5.81
C GLY A 23 -27.71 -9.73 5.18
N GLU A 24 -26.67 -9.96 5.98
CA GLU A 24 -25.29 -9.76 5.52
C GLU A 24 -24.53 -11.01 5.05
N LEU A 25 -23.71 -10.77 4.04
CA LEU A 25 -23.22 -11.79 3.14
C LEU A 25 -21.71 -11.86 3.26
N LYS A 26 -21.16 -13.06 3.23
CA LYS A 26 -19.72 -13.28 3.42
C LYS A 26 -19.36 -14.62 2.82
N ASP A 27 -18.11 -14.78 2.36
CA ASP A 27 -17.68 -16.00 1.62
C ASP A 27 -18.15 -17.35 2.18
N ASP A 28 -18.08 -17.55 3.49
CA ASP A 28 -18.30 -18.90 4.04
C ASP A 28 -19.77 -19.29 4.13
N ASP A 29 -20.65 -18.29 4.07
CA ASP A 29 -22.09 -18.50 4.00
C ASP A 29 -22.57 -19.04 2.63
N PHE A 30 -21.61 -19.42 1.79
CA PHE A 30 -21.84 -19.88 0.41
C PHE A 30 -21.23 -21.23 0.04
N GLU A 31 -21.98 -21.99 -0.75
CA GLU A 31 -21.47 -23.19 -1.39
C GLU A 31 -21.84 -23.13 -2.89
N LYS A 32 -20.83 -23.34 -3.77
CA LYS A 32 -21.05 -23.40 -5.24
C LYS A 32 -22.00 -24.54 -5.55
N ILE A 33 -22.64 -24.48 -6.71
CA ILE A 33 -23.38 -25.62 -7.25
C ILE A 33 -22.82 -25.87 -8.65
N SER A 34 -23.14 -24.98 -9.59
CA SER A 34 -22.69 -25.13 -10.96
C SER A 34 -22.14 -23.82 -11.45
N GLU A 35 -21.34 -23.89 -12.50
CA GLU A 35 -20.95 -22.73 -13.29
C GLU A 35 -22.10 -22.36 -14.23
N LEU A 36 -22.52 -21.11 -14.23
CA LEU A 36 -23.63 -20.68 -15.07
C LEU A 36 -23.15 -20.05 -16.39
N GLY A 37 -21.84 -19.83 -16.47
CA GLY A 37 -21.19 -19.19 -17.62
C GLY A 37 -20.20 -18.16 -17.12
N ALA A 38 -19.40 -17.60 -18.03
CA ALA A 38 -18.51 -16.45 -17.73
C ALA A 38 -18.38 -15.50 -18.93
N GLY A 39 -17.54 -14.49 -18.78
CA GLY A 39 -17.18 -13.58 -19.87
C GLY A 39 -15.89 -12.90 -19.48
N ASN A 40 -15.59 -11.79 -20.13
CA ASN A 40 -14.39 -11.04 -19.82
C ASN A 40 -14.48 -10.41 -18.43
N GLY A 41 -13.75 -11.00 -17.49
CA GLY A 41 -13.83 -10.65 -16.08
C GLY A 41 -14.47 -11.77 -15.28
N GLY A 42 -15.37 -11.39 -14.38
CA GLY A 42 -16.08 -12.34 -13.50
C GLY A 42 -16.66 -13.62 -14.09
N VAL A 43 -16.39 -14.76 -13.43
CA VAL A 43 -17.14 -16.00 -13.67
C VAL A 43 -18.44 -16.00 -12.84
N VAL A 44 -19.48 -16.71 -13.32
CA VAL A 44 -20.78 -16.67 -12.64
C VAL A 44 -21.23 -18.06 -12.21
N PHE A 45 -21.34 -18.24 -10.90
CA PHE A 45 -21.75 -19.54 -10.37
C PHE A 45 -23.15 -19.52 -9.80
N LYS A 46 -23.84 -20.64 -10.00
CA LYS A 46 -25.03 -20.99 -9.23
C LYS A 46 -24.55 -21.40 -7.83
N VAL A 47 -25.10 -20.75 -6.79
CA VAL A 47 -24.68 -20.97 -5.38
C VAL A 47 -25.88 -20.97 -4.43
N SER A 48 -25.71 -21.63 -3.28
CA SER A 48 -26.69 -21.59 -2.17
C SER A 48 -26.13 -20.90 -0.93
N HIS A 49 -26.93 -19.97 -0.40
CA HIS A 49 -26.62 -19.21 0.82
C HIS A 49 -27.25 -19.90 2.02
N LYS A 50 -26.40 -20.66 2.74
CA LYS A 50 -26.81 -21.61 3.80
C LYS A 50 -27.64 -20.98 4.92
N PRO A 51 -27.23 -19.80 5.48
CA PRO A 51 -28.10 -19.06 6.42
C PRO A 51 -29.55 -18.92 6.00
N SER A 52 -29.79 -18.71 4.71
CA SER A 52 -31.16 -18.48 4.20
C SER A 52 -31.70 -19.66 3.36
N GLY A 53 -30.81 -20.55 2.91
CA GLY A 53 -31.20 -21.72 2.09
C GLY A 53 -31.63 -21.38 0.66
N LEU A 54 -31.48 -20.11 0.31
CA LEU A 54 -31.84 -19.58 -0.99
C LEU A 54 -30.76 -19.86 -2.05
N VAL A 55 -31.20 -20.14 -3.28
CA VAL A 55 -30.29 -20.33 -4.44
C VAL A 55 -30.08 -19.01 -5.20
N MET A 56 -28.80 -18.62 -5.34
CA MET A 56 -28.43 -17.32 -5.93
C MET A 56 -27.44 -17.53 -7.07
N ALA A 57 -27.33 -16.52 -7.92
CA ALA A 57 -26.22 -16.45 -8.87
C ALA A 57 -25.18 -15.54 -8.23
N ARG A 58 -23.92 -15.97 -8.29
CA ARG A 58 -22.83 -15.15 -7.77
C ARG A 58 -21.82 -14.80 -8.87
N LYS A 59 -21.76 -13.51 -9.22
CA LYS A 59 -20.69 -13.02 -10.10
C LYS A 59 -19.43 -12.74 -9.27
N LEU A 60 -18.30 -13.36 -9.63
CA LEU A 60 -17.01 -13.13 -8.95
C LEU A 60 -16.04 -12.32 -9.78
N ILE A 61 -16.16 -11.00 -9.76
CA ILE A 61 -15.23 -10.07 -10.43
C ILE A 61 -13.85 -10.08 -9.75
N HIS A 62 -12.76 -10.05 -10.52
CA HIS A 62 -11.40 -10.03 -9.94
C HIS A 62 -10.79 -8.64 -9.93
N LEU A 63 -10.49 -8.15 -8.72
CA LEU A 63 -10.02 -6.78 -8.50
C LEU A 63 -8.49 -6.69 -8.50
N GLU A 64 -7.85 -7.03 -7.37
CA GLU A 64 -6.42 -6.74 -7.08
C GLU A 64 -6.00 -5.31 -7.48
N ILE A 65 -6.80 -4.33 -7.03
CA ILE A 65 -6.66 -2.88 -7.36
C ILE A 65 -6.70 -2.03 -6.06
N LYS A 66 -6.38 -0.73 -6.19
CA LYS A 66 -6.24 0.23 -5.08
C LYS A 66 -7.47 0.29 -4.16
N PRO A 67 -7.28 0.04 -2.83
CA PRO A 67 -8.41 0.00 -1.88
C PRO A 67 -9.36 1.21 -1.94
N ALA A 68 -8.82 2.38 -2.30
CA ALA A 68 -9.57 3.64 -2.41
C ALA A 68 -10.67 3.56 -3.47
N ILE A 69 -10.31 3.01 -4.64
CA ILE A 69 -11.25 2.75 -5.74
C ILE A 69 -12.21 1.60 -5.35
N ARG A 70 -11.69 0.62 -4.62
CA ARG A 70 -12.45 -0.57 -4.28
C ARG A 70 -13.63 -0.30 -3.32
N ASN A 71 -13.33 0.34 -2.18
CA ASN A 71 -14.36 0.64 -1.18
C ASN A 71 -15.37 1.53 -1.80
N GLN A 72 -14.91 2.40 -2.68
CA GLN A 72 -15.76 3.34 -3.37
C GLN A 72 -16.75 2.63 -4.28
N ILE A 73 -16.33 1.52 -4.89
CA ILE A 73 -17.19 0.72 -5.77
C ILE A 73 -18.25 0.04 -4.93
N ILE A 74 -17.81 -0.68 -3.90
CA ILE A 74 -18.71 -1.34 -2.93
C ILE A 74 -19.74 -0.33 -2.38
N ARG A 75 -19.25 0.87 -2.03
CA ARG A 75 -20.09 1.98 -1.57
C ARG A 75 -21.18 2.36 -2.56
N GLU A 76 -20.82 2.49 -3.83
CA GLU A 76 -21.78 2.95 -4.86
C GLU A 76 -22.64 1.82 -5.43
N LEU A 77 -22.19 0.58 -5.21
CA LEU A 77 -22.99 -0.61 -5.55
C LEU A 77 -24.18 -0.80 -4.64
N GLN A 78 -24.06 -0.32 -3.40
CA GLN A 78 -25.14 -0.44 -2.42
C GLN A 78 -26.46 0.15 -2.92
N VAL A 79 -26.40 1.18 -3.76
CA VAL A 79 -27.61 1.85 -4.27
C VAL A 79 -28.59 0.86 -4.94
N LEU A 80 -28.05 -0.26 -5.43
CA LEU A 80 -28.80 -1.31 -6.13
C LEU A 80 -29.86 -2.00 -5.27
N HIS A 81 -29.70 -1.92 -3.94
CA HIS A 81 -30.68 -2.42 -2.99
C HIS A 81 -31.98 -1.63 -3.03
N GLU A 82 -31.92 -0.39 -3.54
CA GLU A 82 -33.11 0.41 -3.85
C GLU A 82 -33.52 0.30 -5.32
N CYS A 83 -32.80 -0.50 -6.10
CA CYS A 83 -33.21 -0.74 -7.47
C CYS A 83 -34.10 -1.97 -7.49
N ASN A 84 -35.41 -1.73 -7.48
CA ASN A 84 -36.39 -2.82 -7.46
C ASN A 84 -37.52 -2.69 -8.46
N SER A 85 -37.32 -3.37 -9.59
CA SER A 85 -38.22 -3.37 -10.74
C SER A 85 -38.48 -4.83 -11.09
N PRO A 86 -39.60 -5.11 -11.81
CA PRO A 86 -39.73 -6.45 -12.40
C PRO A 86 -38.79 -6.68 -13.60
N TYR A 87 -38.25 -5.61 -14.17
CA TYR A 87 -37.38 -5.64 -15.37
C TYR A 87 -35.85 -5.57 -15.08
N ILE A 88 -35.49 -5.72 -13.80
CA ILE A 88 -34.11 -5.74 -13.35
C ILE A 88 -33.95 -7.03 -12.57
N VAL A 89 -32.81 -7.69 -12.69
CA VAL A 89 -32.61 -8.90 -11.94
C VAL A 89 -32.62 -8.51 -10.46
N GLY A 90 -33.35 -9.31 -9.67
CA GLY A 90 -33.35 -9.19 -8.21
C GLY A 90 -31.93 -9.13 -7.67
N PHE A 91 -31.66 -8.07 -6.90
CA PHE A 91 -30.38 -7.82 -6.18
C PHE A 91 -30.44 -8.24 -4.72
N TYR A 92 -29.33 -8.82 -4.25
CA TYR A 92 -29.22 -9.29 -2.87
C TYR A 92 -28.21 -8.49 -2.07
N GLY A 93 -26.96 -8.53 -2.50
CA GLY A 93 -25.90 -7.76 -1.90
C GLY A 93 -24.71 -7.71 -2.82
N ALA A 94 -23.65 -7.11 -2.31
CA ALA A 94 -22.41 -6.99 -3.02
C ALA A 94 -21.34 -6.80 -1.94
N PHE A 95 -20.31 -7.63 -1.95
CA PHE A 95 -19.27 -7.49 -0.95
C PHE A 95 -17.85 -7.74 -1.47
N TYR A 96 -16.86 -7.41 -0.65
CA TYR A 96 -15.46 -7.77 -0.89
C TYR A 96 -15.03 -8.89 0.05
N SER A 97 -14.10 -9.70 -0.45
CA SER A 97 -13.48 -10.81 0.25
C SER A 97 -12.38 -11.24 -0.70
N ASP A 98 -11.43 -12.07 -0.24
CA ASP A 98 -10.52 -12.87 -1.09
C ASP A 98 -9.70 -12.15 -2.17
N GLY A 99 -9.82 -10.83 -2.28
CA GLY A 99 -9.29 -10.05 -3.41
C GLY A 99 -10.19 -10.07 -4.65
N GLU A 100 -11.50 -10.29 -4.42
CA GLU A 100 -12.54 -10.45 -5.47
C GLU A 100 -13.91 -9.88 -5.06
N ILE A 101 -14.35 -8.81 -5.70
CA ILE A 101 -15.69 -8.26 -5.48
C ILE A 101 -16.73 -9.22 -6.03
N SER A 102 -17.74 -9.55 -5.22
CA SER A 102 -18.79 -10.44 -5.67
C SER A 102 -20.19 -9.85 -5.58
N ILE A 103 -21.01 -10.16 -6.59
CA ILE A 103 -22.35 -9.60 -6.71
C ILE A 103 -23.35 -10.76 -6.74
N CYS A 104 -24.19 -10.79 -5.72
CA CYS A 104 -25.16 -11.86 -5.51
C CYS A 104 -26.48 -11.33 -5.91
N MET A 105 -27.13 -12.10 -6.77
CA MET A 105 -28.38 -11.70 -7.42
C MET A 105 -29.29 -12.90 -7.64
N GLU A 106 -30.55 -12.61 -7.91
CA GLU A 106 -31.54 -13.64 -8.18
C GLU A 106 -31.00 -14.52 -9.31
N HIS A 107 -30.94 -15.83 -9.07
CA HIS A 107 -30.61 -16.80 -10.13
C HIS A 107 -31.77 -16.84 -11.13
N MET A 108 -31.43 -16.88 -12.42
CA MET A 108 -32.44 -16.97 -13.47
C MET A 108 -32.28 -18.30 -14.23
N ASP A 109 -33.33 -19.12 -14.22
CA ASP A 109 -33.15 -20.50 -14.68
C ASP A 109 -33.01 -20.64 -16.21
N GLY A 110 -33.26 -19.54 -16.91
CA GLY A 110 -33.16 -19.52 -18.37
C GLY A 110 -31.85 -18.96 -18.91
N GLY A 111 -31.09 -18.28 -18.04
CA GLY A 111 -29.78 -17.72 -18.39
C GLY A 111 -29.97 -16.52 -19.30
N SER A 112 -28.91 -16.12 -20.00
CA SER A 112 -28.97 -14.97 -20.90
C SER A 112 -29.51 -15.32 -22.28
N LEU A 113 -30.18 -14.35 -22.90
CA LEU A 113 -30.60 -14.41 -24.31
C LEU A 113 -29.44 -14.77 -25.22
N ASP A 114 -28.23 -14.59 -24.75
CA ASP A 114 -27.10 -14.98 -25.56
C ASP A 114 -27.03 -16.50 -25.72
N GLN A 115 -27.38 -17.18 -24.64
CA GLN A 115 -27.33 -18.62 -24.54
C GLN A 115 -28.59 -19.16 -25.18
N VAL A 116 -29.73 -18.55 -24.90
CA VAL A 116 -30.96 -18.84 -25.62
C VAL A 116 -30.74 -18.76 -27.15
N LEU A 117 -30.03 -17.74 -27.61
CA LEU A 117 -29.78 -17.61 -29.05
C LEU A 117 -29.04 -18.84 -29.63
N LYS A 118 -28.01 -19.29 -28.93
CA LYS A 118 -27.21 -20.45 -29.32
C LYS A 118 -28.05 -21.74 -29.45
N LYS A 119 -29.07 -21.89 -28.62
CA LYS A 119 -29.97 -23.02 -28.76
C LYS A 119 -31.08 -22.85 -29.83
N ALA A 120 -31.55 -21.63 -30.04
CA ALA A 120 -32.69 -21.35 -30.90
C ALA A 120 -32.41 -21.15 -32.38
N GLY A 121 -31.18 -20.71 -32.69
CA GLY A 121 -30.82 -20.21 -34.02
C GLY A 121 -31.19 -18.73 -34.18
N ARG A 122 -32.50 -18.46 -34.17
CA ARG A 122 -33.10 -17.13 -34.25
C ARG A 122 -34.13 -17.07 -33.15
N ILE A 123 -34.39 -15.87 -32.64
CA ILE A 123 -35.52 -15.64 -31.72
C ILE A 123 -36.58 -15.00 -32.57
N PRO A 124 -37.80 -15.56 -32.56
CA PRO A 124 -38.81 -15.04 -33.44
C PRO A 124 -39.34 -13.66 -33.02
N GLU A 125 -39.74 -12.86 -34.02
CA GLU A 125 -40.30 -11.52 -33.85
C GLU A 125 -41.19 -11.25 -32.63
N GLN A 126 -42.22 -12.04 -32.42
CA GLN A 126 -43.10 -11.76 -31.27
C GLN A 126 -42.42 -11.96 -29.91
N ILE A 127 -41.44 -12.87 -29.83
CA ILE A 127 -40.64 -13.03 -28.62
C ILE A 127 -39.79 -11.76 -28.45
N LEU A 128 -39.04 -11.41 -29.49
CA LEU A 128 -38.29 -10.15 -29.50
C LEU A 128 -39.12 -8.89 -29.10
N GLY A 129 -40.42 -8.88 -29.44
CA GLY A 129 -41.33 -7.84 -29.04
C GLY A 129 -41.43 -7.74 -27.54
N LYS A 130 -41.49 -8.90 -26.88
CA LYS A 130 -41.59 -8.94 -25.42
C LYS A 130 -40.28 -8.59 -24.78
N VAL A 131 -39.18 -8.95 -25.46
CA VAL A 131 -37.85 -8.55 -25.00
C VAL A 131 -37.74 -7.01 -25.05
N SER A 132 -37.95 -6.46 -26.24
CA SER A 132 -37.97 -5.02 -26.50
C SER A 132 -38.65 -4.28 -25.38
N ILE A 133 -39.92 -4.61 -25.15
CA ILE A 133 -40.64 -4.01 -24.02
C ILE A 133 -39.81 -4.07 -22.71
N ALA A 134 -39.37 -5.27 -22.30
CA ALA A 134 -38.69 -5.43 -21.00
C ALA A 134 -37.53 -4.47 -20.85
N VAL A 135 -36.65 -4.42 -21.84
CA VAL A 135 -35.45 -3.61 -21.71
C VAL A 135 -35.82 -2.13 -21.75
N ILE A 136 -36.77 -1.74 -22.60
CA ILE A 136 -37.30 -0.39 -22.56
C ILE A 136 -37.77 -0.04 -21.13
N LYS A 137 -38.65 -0.86 -20.54
CA LYS A 137 -39.14 -0.58 -19.17
C LYS A 137 -38.02 -0.51 -18.12
N GLY A 138 -37.02 -1.37 -18.29
CA GLY A 138 -35.87 -1.44 -17.38
C GLY A 138 -34.90 -0.29 -17.56
N LEU A 139 -34.79 0.22 -18.78
CA LEU A 139 -33.98 1.41 -19.04
C LEU A 139 -34.67 2.62 -18.43
N THR A 140 -35.97 2.77 -18.71
CA THR A 140 -36.81 3.88 -18.25
C THR A 140 -36.87 3.88 -16.75
N TYR A 141 -37.10 2.72 -16.15
CA TYR A 141 -37.08 2.63 -14.70
C TYR A 141 -35.77 3.16 -14.23
N LEU A 142 -34.66 2.55 -14.66
CA LEU A 142 -33.32 2.98 -14.20
C LEU A 142 -33.04 4.47 -14.44
N ARG A 143 -33.49 4.99 -15.59
CA ARG A 143 -33.25 6.37 -16.01
C ARG A 143 -34.01 7.34 -15.12
N GLU A 144 -35.34 7.35 -15.28
CA GLU A 144 -36.19 8.28 -14.56
C GLU A 144 -36.19 8.13 -13.03
N LYS A 145 -35.95 6.91 -12.52
CA LYS A 145 -36.13 6.65 -11.08
C LYS A 145 -34.85 6.56 -10.27
N HIS A 146 -33.71 6.43 -10.94
CA HIS A 146 -32.44 6.38 -10.23
C HIS A 146 -31.35 7.15 -10.95
N LYS A 147 -31.76 7.84 -12.02
CA LYS A 147 -30.86 8.54 -12.95
C LYS A 147 -29.62 7.70 -13.36
N ILE A 148 -29.74 6.38 -13.16
CA ILE A 148 -28.77 5.38 -13.62
C ILE A 148 -29.04 5.08 -15.12
N MET A 149 -27.96 4.97 -15.91
CA MET A 149 -28.02 4.28 -17.21
C MET A 149 -27.20 3.00 -17.15
N HIS A 150 -27.53 2.04 -18.02
CA HIS A 150 -26.99 0.68 -17.97
C HIS A 150 -25.56 0.55 -18.51
N ARG A 151 -25.30 1.22 -19.63
CA ARG A 151 -23.97 1.32 -20.24
C ARG A 151 -23.33 -0.04 -20.60
N ASP A 152 -24.15 -1.09 -20.58
CA ASP A 152 -23.73 -2.44 -20.98
C ASP A 152 -24.92 -3.32 -21.39
N VAL A 153 -25.78 -2.80 -22.28
CA VAL A 153 -26.89 -3.59 -22.84
C VAL A 153 -26.34 -4.44 -23.98
N LYS A 154 -26.71 -5.73 -23.92
CA LYS A 154 -26.35 -6.75 -24.93
C LYS A 154 -27.07 -8.04 -24.59
N PRO A 155 -27.07 -9.02 -25.53
CA PRO A 155 -27.79 -10.23 -25.23
C PRO A 155 -27.32 -10.98 -23.96
N SER A 156 -26.03 -10.99 -23.64
CA SER A 156 -25.59 -11.64 -22.40
C SER A 156 -26.07 -11.01 -21.12
N ASN A 157 -26.55 -9.76 -21.19
CA ASN A 157 -27.05 -9.07 -20.01
C ASN A 157 -28.54 -8.91 -20.02
N ILE A 158 -29.21 -9.68 -20.87
CA ILE A 158 -30.66 -9.82 -20.81
C ILE A 158 -31.02 -11.22 -20.31
N LEU A 159 -31.46 -11.33 -19.05
CA LEU A 159 -31.68 -12.66 -18.48
C LEU A 159 -33.16 -13.00 -18.57
N VAL A 160 -33.46 -14.29 -18.63
CA VAL A 160 -34.82 -14.79 -18.79
C VAL A 160 -35.04 -15.96 -17.84
N ASN A 161 -36.31 -16.18 -17.44
CA ASN A 161 -36.63 -17.38 -16.65
C ASN A 161 -37.88 -18.17 -17.06
N SER A 162 -38.05 -19.32 -16.42
CA SER A 162 -39.19 -20.18 -16.74
C SER A 162 -40.54 -19.58 -16.34
N ARG A 163 -40.56 -18.64 -15.40
CA ARG A 163 -41.75 -17.81 -15.19
C ARG A 163 -42.04 -16.83 -16.35
N GLY A 164 -41.20 -16.82 -17.38
CA GLY A 164 -41.35 -15.88 -18.51
C GLY A 164 -41.08 -14.42 -18.16
N GLU A 165 -40.23 -14.17 -17.16
CA GLU A 165 -39.73 -12.84 -16.97
C GLU A 165 -38.38 -12.64 -17.64
N ILE A 166 -38.22 -11.40 -18.08
CA ILE A 166 -37.08 -10.89 -18.77
C ILE A 166 -36.54 -9.73 -17.92
N LYS A 167 -35.30 -9.85 -17.47
CA LYS A 167 -34.70 -8.83 -16.62
C LYS A 167 -33.28 -8.45 -17.05
N LEU A 168 -32.97 -7.17 -16.92
CA LEU A 168 -31.59 -6.69 -17.09
C LEU A 168 -30.71 -7.05 -15.90
N CYS A 169 -29.48 -7.45 -16.19
CA CYS A 169 -28.45 -7.52 -15.17
C CYS A 169 -27.21 -6.77 -15.63
N ASP A 170 -26.22 -6.63 -14.75
CA ASP A 170 -24.95 -5.96 -15.03
C ASP A 170 -25.06 -4.45 -15.35
N PHE A 171 -25.97 -3.83 -14.60
CA PHE A 171 -26.03 -2.42 -14.26
C PHE A 171 -24.71 -1.92 -13.64
N GLY A 172 -23.92 -2.85 -13.10
CA GLY A 172 -22.83 -2.60 -12.13
C GLY A 172 -21.65 -1.73 -12.53
N VAL A 173 -21.54 -0.58 -11.85
CA VAL A 173 -20.48 0.42 -12.07
C VAL A 173 -19.60 0.64 -10.84
N THR A 188 1.82 18.16 -14.56
CA THR A 188 1.04 19.01 -15.45
C THR A 188 1.43 18.74 -16.91
N ARG A 189 1.02 17.57 -17.40
CA ARG A 189 1.13 17.18 -18.82
C ARG A 189 0.03 16.23 -19.33
N SER A 190 -1.05 16.82 -19.87
CA SER A 190 -2.04 16.10 -20.67
C SER A 190 -2.33 16.84 -21.93
N TYR A 191 -2.47 16.08 -23.01
CA TYR A 191 -2.61 16.62 -24.36
C TYR A 191 -3.98 16.26 -24.92
N MET A 192 -4.92 15.91 -24.06
CA MET A 192 -6.25 15.52 -24.54
C MET A 192 -7.10 16.69 -25.01
N SER A 193 -7.91 16.42 -26.01
CA SER A 193 -8.88 17.36 -26.55
C SER A 193 -9.90 17.83 -25.51
N PRO A 194 -10.25 19.13 -25.50
CA PRO A 194 -11.40 19.52 -24.65
C PRO A 194 -12.66 18.70 -24.99
N GLU A 195 -12.99 18.64 -26.28
CA GLU A 195 -14.03 17.77 -26.84
C GLU A 195 -13.92 16.28 -26.47
N ARG A 196 -12.80 15.88 -25.87
CA ARG A 196 -12.63 14.53 -25.33
C ARG A 196 -12.60 14.52 -23.77
N LEU A 197 -12.06 15.61 -23.19
CA LEU A 197 -11.95 15.77 -21.75
C LEU A 197 -13.28 16.03 -21.05
N GLN A 198 -14.33 16.27 -21.83
CA GLN A 198 -15.69 16.19 -21.30
C GLN A 198 -16.40 15.00 -21.97
N TYR A 202 -21.75 9.33 -24.34
CA TYR A 202 -22.77 8.28 -24.26
C TYR A 202 -23.91 8.59 -23.25
N SER A 203 -25.13 8.28 -23.69
CA SER A 203 -26.40 8.62 -23.00
C SER A 203 -27.26 7.36 -22.77
N VAL A 204 -28.54 7.51 -22.38
CA VAL A 204 -29.52 6.42 -22.52
C VAL A 204 -29.71 6.11 -24.02
N GLN A 205 -29.38 7.09 -24.86
CA GLN A 205 -29.38 7.00 -26.32
C GLN A 205 -28.39 5.99 -26.86
N SER A 206 -27.26 5.87 -26.18
CA SER A 206 -26.28 4.84 -26.47
C SER A 206 -26.84 3.41 -26.14
N ASP A 207 -27.27 3.18 -24.90
CA ASP A 207 -28.06 1.98 -24.51
C ASP A 207 -29.12 1.49 -25.54
N ILE A 208 -29.77 2.43 -26.25
CA ILE A 208 -30.81 2.16 -27.27
C ILE A 208 -30.17 1.59 -28.55
N TRP A 209 -29.01 2.12 -28.91
CA TRP A 209 -28.30 1.55 -30.01
C TRP A 209 -27.98 0.08 -29.67
N SER A 210 -27.45 -0.12 -28.46
CA SER A 210 -27.15 -1.45 -27.93
C SER A 210 -28.35 -2.37 -28.01
N MET A 211 -29.51 -1.89 -27.56
CA MET A 211 -30.75 -2.66 -27.72
C MET A 211 -30.96 -2.99 -29.21
N GLY A 212 -31.17 -1.99 -30.04
CA GLY A 212 -31.42 -2.20 -31.45
C GLY A 212 -30.53 -3.28 -32.05
N LEU A 213 -29.22 -3.19 -31.77
CA LEU A 213 -28.23 -4.07 -32.42
C LEU A 213 -28.45 -5.50 -31.89
N SER A 214 -28.70 -5.62 -30.59
CA SER A 214 -28.96 -6.88 -29.96
C SER A 214 -30.20 -7.46 -30.65
N LEU A 215 -31.23 -6.64 -30.81
CA LEU A 215 -32.47 -7.07 -31.50
C LEU A 215 -32.14 -7.66 -32.88
N VAL A 216 -31.35 -6.96 -33.67
CA VAL A 216 -30.99 -7.54 -34.98
C VAL A 216 -30.28 -8.87 -34.82
N GLU A 217 -29.27 -8.94 -33.96
CA GLU A 217 -28.54 -10.19 -33.78
C GLU A 217 -29.43 -11.41 -33.53
N MET A 218 -30.23 -11.31 -32.48
CA MET A 218 -31.22 -12.32 -32.14
C MET A 218 -32.20 -12.60 -33.25
N ALA A 219 -32.65 -11.56 -33.97
CA ALA A 219 -33.57 -11.73 -35.11
C ALA A 219 -33.04 -12.57 -36.26
N VAL A 220 -31.77 -12.39 -36.58
CA VAL A 220 -31.16 -13.02 -37.72
C VAL A 220 -30.20 -14.11 -37.29
N GLY A 221 -29.85 -14.15 -36.02
CA GLY A 221 -29.03 -15.21 -35.51
C GLY A 221 -27.59 -15.02 -35.86
N ARG A 222 -27.23 -13.83 -36.31
CA ARG A 222 -25.83 -13.48 -36.63
C ARG A 222 -25.55 -12.07 -36.16
N TYR A 223 -24.40 -11.87 -35.52
CA TYR A 223 -23.99 -10.53 -35.15
C TYR A 223 -23.82 -9.73 -36.46
N PRO A 224 -24.61 -8.65 -36.63
CA PRO A 224 -24.83 -8.05 -37.95
C PRO A 224 -23.74 -7.14 -38.48
N ILE A 225 -22.58 -7.11 -37.82
CA ILE A 225 -21.47 -6.24 -38.26
C ILE A 225 -20.21 -7.05 -38.50
N PRO A 226 -19.68 -7.02 -39.72
CA PRO A 226 -20.31 -6.36 -40.90
C PRO A 226 -21.63 -7.07 -41.37
N PRO A 227 -22.42 -6.45 -42.29
CA PRO A 227 -23.61 -7.16 -42.77
C PRO A 227 -23.17 -8.32 -43.65
N PRO A 228 -24.09 -9.24 -44.01
CA PRO A 228 -23.73 -10.24 -45.04
C PRO A 228 -24.27 -9.92 -46.45
N ASP A 229 -23.51 -10.28 -47.50
CA ASP A 229 -23.99 -10.22 -48.89
C ASP A 229 -25.00 -11.35 -49.10
N ALA A 230 -25.96 -11.16 -50.02
CA ALA A 230 -27.09 -12.10 -50.24
C ALA A 230 -26.75 -13.59 -50.44
N LYS A 231 -25.47 -13.89 -50.63
CA LYS A 231 -24.94 -15.27 -50.67
C LYS A 231 -25.05 -16.00 -49.30
N GLU A 232 -24.61 -15.37 -48.22
CA GLU A 232 -24.76 -15.92 -46.85
C GLU A 232 -26.15 -15.71 -46.23
N LEU A 233 -26.98 -14.86 -46.85
CA LEU A 233 -28.35 -14.58 -46.41
C LEU A 233 -29.40 -15.66 -46.74
N GLU A 234 -29.29 -16.30 -47.91
CA GLU A 234 -30.23 -17.34 -48.30
C GLU A 234 -30.03 -18.62 -47.48
N LEU A 235 -28.76 -18.89 -47.15
CA LEU A 235 -28.34 -19.89 -46.16
C LEU A 235 -28.89 -19.60 -44.74
N MET A 236 -29.65 -18.51 -44.63
CA MET A 236 -30.35 -18.09 -43.43
C MET A 236 -31.88 -18.09 -43.62
N PHE A 237 -32.37 -17.49 -44.72
CA PHE A 237 -33.83 -17.25 -44.93
C PHE A 237 -34.46 -17.91 -46.17
N GLY A 238 -33.75 -17.88 -47.30
CA GLY A 238 -34.26 -18.42 -48.57
C GLY A 238 -35.40 -17.62 -49.14
N PRO A 269 -12.99 -12.10 -41.60
CA PRO A 269 -12.72 -12.47 -40.21
C PRO A 269 -11.76 -11.45 -39.54
N MET A 270 -12.35 -10.50 -38.82
CA MET A 270 -11.67 -9.26 -38.44
C MET A 270 -11.32 -9.15 -36.96
N ALA A 271 -10.36 -8.27 -36.67
CA ALA A 271 -9.95 -7.95 -35.29
C ALA A 271 -10.88 -6.91 -34.64
N ILE A 272 -10.89 -6.85 -33.31
CA ILE A 272 -11.82 -5.94 -32.64
C ILE A 272 -11.63 -4.48 -33.06
N PHE A 273 -10.41 -4.12 -33.46
CA PHE A 273 -10.15 -2.72 -33.83
C PHE A 273 -10.72 -2.35 -35.21
N GLU A 274 -10.59 -3.26 -36.18
CA GLU A 274 -11.34 -3.17 -37.46
C GLU A 274 -12.83 -3.01 -37.16
N LEU A 275 -13.33 -3.85 -36.27
CA LEU A 275 -14.72 -3.80 -35.91
C LEU A 275 -15.06 -2.43 -35.37
N LEU A 276 -14.29 -1.99 -34.37
CA LEU A 276 -14.67 -0.82 -33.62
C LEU A 276 -14.75 0.37 -34.55
N ASP A 277 -13.89 0.32 -35.57
CA ASP A 277 -13.78 1.34 -36.60
C ASP A 277 -14.97 1.33 -37.59
N TYR A 278 -15.22 0.14 -38.17
CA TYR A 278 -16.42 -0.15 -38.95
C TYR A 278 -17.68 0.43 -38.28
N ILE A 279 -17.90 0.13 -36.99
CA ILE A 279 -19.09 0.62 -36.27
C ILE A 279 -19.28 2.14 -36.38
N VAL A 280 -18.16 2.86 -36.33
CA VAL A 280 -18.10 4.32 -36.30
C VAL A 280 -18.31 4.97 -37.68
N ASN A 281 -17.83 4.27 -38.71
CA ASN A 281 -17.62 4.82 -40.04
C ASN A 281 -18.57 4.36 -41.12
N GLU A 282 -19.12 3.18 -40.94
CA GLU A 282 -19.97 2.56 -41.94
C GLU A 282 -21.43 2.62 -41.51
N PRO A 283 -22.37 2.53 -42.47
CA PRO A 283 -23.77 2.70 -42.06
C PRO A 283 -24.23 1.57 -41.13
N PRO A 284 -25.27 1.80 -40.32
CA PRO A 284 -25.73 0.82 -39.35
C PRO A 284 -26.30 -0.44 -40.01
N PRO A 285 -26.41 -1.56 -39.25
CA PRO A 285 -27.08 -2.72 -39.83
C PRO A 285 -28.60 -2.60 -39.71
N LYS A 286 -29.31 -3.39 -40.51
CA LYS A 286 -30.77 -3.40 -40.54
C LYS A 286 -31.25 -4.83 -40.55
N LEU A 287 -32.50 -5.05 -40.18
CA LEU A 287 -33.16 -6.33 -40.47
C LEU A 287 -33.22 -6.49 -41.98
N PRO A 288 -33.20 -7.75 -42.48
CA PRO A 288 -33.43 -7.93 -43.91
C PRO A 288 -34.93 -7.83 -44.16
N SER A 289 -35.34 -7.54 -45.39
CA SER A 289 -36.78 -7.26 -45.67
C SER A 289 -37.57 -8.53 -46.05
N GLY A 290 -38.90 -8.45 -46.01
CA GLY A 290 -39.74 -9.59 -46.33
C GLY A 290 -40.06 -10.49 -45.15
N VAL A 291 -39.01 -10.87 -44.41
CA VAL A 291 -39.09 -11.82 -43.28
C VAL A 291 -39.53 -11.21 -41.91
N PHE A 292 -39.56 -9.87 -41.82
CA PHE A 292 -40.12 -9.19 -40.62
C PHE A 292 -41.17 -8.17 -40.98
N SER A 293 -42.00 -7.83 -40.01
CA SER A 293 -42.97 -6.81 -40.20
C SER A 293 -42.29 -5.46 -40.42
N LEU A 294 -42.98 -4.57 -41.13
CA LEU A 294 -42.47 -3.23 -41.34
C LEU A 294 -42.35 -2.55 -39.99
N GLU A 295 -43.33 -2.73 -39.09
CA GLU A 295 -43.31 -2.08 -37.76
C GLU A 295 -42.07 -2.41 -36.94
N PHE A 296 -41.59 -3.65 -37.03
CA PHE A 296 -40.35 -4.10 -36.39
C PHE A 296 -39.13 -3.51 -37.14
N GLN A 297 -39.06 -3.73 -38.49
CA GLN A 297 -37.99 -3.16 -39.38
C GLN A 297 -37.74 -1.70 -39.03
N ASP A 298 -38.83 -0.94 -38.93
CA ASP A 298 -38.73 0.44 -38.56
C ASP A 298 -38.23 0.62 -37.11
N PHE A 299 -38.85 -0.07 -36.15
CA PHE A 299 -38.44 0.03 -34.72
C PHE A 299 -36.90 -0.12 -34.52
N VAL A 300 -36.28 -1.13 -35.12
CA VAL A 300 -34.79 -1.26 -35.02
C VAL A 300 -34.04 -0.10 -35.67
N ASN A 301 -34.56 0.36 -36.80
CA ASN A 301 -33.99 1.51 -37.50
C ASN A 301 -33.92 2.80 -36.64
N LYS A 302 -34.99 3.12 -35.92
CA LYS A 302 -35.00 4.30 -35.06
C LYS A 302 -34.03 4.17 -33.88
N CYS A 303 -33.62 2.94 -33.58
CA CYS A 303 -32.69 2.65 -32.48
C CYS A 303 -31.28 2.69 -32.98
N LEU A 304 -31.15 2.56 -34.29
CA LEU A 304 -29.84 2.39 -34.89
C LEU A 304 -29.41 3.52 -35.83
N ILE A 305 -30.05 4.68 -35.68
CA ILE A 305 -29.61 5.90 -36.37
C ILE A 305 -28.27 6.26 -35.77
N LYS A 306 -27.27 6.35 -36.65
CA LYS A 306 -25.85 6.63 -36.31
C LYS A 306 -25.68 7.87 -35.46
N ASN A 307 -26.41 8.93 -35.83
CA ASN A 307 -26.39 10.16 -35.11
C ASN A 307 -27.31 10.10 -33.90
N PRO A 308 -26.75 10.21 -32.70
CA PRO A 308 -27.53 10.02 -31.43
C PRO A 308 -28.66 11.02 -31.26
N ALA A 309 -28.50 12.15 -31.93
CA ALA A 309 -29.37 13.30 -31.76
C ALA A 309 -30.67 13.08 -32.51
N GLU A 310 -30.54 12.43 -33.67
CA GLU A 310 -31.68 12.04 -34.50
C GLU A 310 -32.27 10.68 -34.08
N ARG A 311 -31.48 9.83 -33.42
CA ARG A 311 -31.95 8.50 -32.94
C ARG A 311 -33.11 8.65 -31.94
N ALA A 312 -33.97 7.63 -31.87
CA ALA A 312 -35.17 7.63 -31.05
C ALA A 312 -34.84 7.56 -29.58
N ASP A 313 -35.73 8.10 -28.74
CA ASP A 313 -35.52 8.00 -27.29
C ASP A 313 -36.55 7.08 -26.67
N LEU A 314 -36.32 6.71 -25.41
CA LEU A 314 -37.21 5.81 -24.70
C LEU A 314 -38.69 6.15 -24.88
N LYS A 315 -39.04 7.43 -24.77
CA LYS A 315 -40.44 7.84 -24.84
C LYS A 315 -40.97 7.76 -26.26
N GLN A 316 -40.11 8.01 -27.25
CA GLN A 316 -40.48 7.88 -28.66
C GLN A 316 -40.74 6.41 -29.06
N LEU A 317 -39.94 5.51 -28.44
CA LEU A 317 -40.00 4.07 -28.64
C LEU A 317 -41.15 3.41 -27.87
N MET A 318 -41.32 3.74 -26.59
CA MET A 318 -42.45 3.26 -25.74
C MET A 318 -43.84 3.39 -26.42
N VAL A 319 -43.96 4.21 -27.45
CA VAL A 319 -45.23 4.34 -28.19
C VAL A 319 -45.12 3.95 -29.69
N HIS A 320 -43.95 3.52 -30.14
CA HIS A 320 -43.76 3.06 -31.53
C HIS A 320 -44.77 1.97 -31.93
N ALA A 321 -45.14 1.94 -33.21
CA ALA A 321 -46.11 0.98 -33.73
C ALA A 321 -45.86 -0.47 -33.23
N PHE A 322 -44.62 -0.93 -33.42
CA PHE A 322 -44.15 -2.28 -33.05
C PHE A 322 -44.32 -2.59 -31.57
N ILE A 323 -44.22 -1.59 -30.71
CA ILE A 323 -44.36 -1.80 -29.27
C ILE A 323 -45.81 -1.83 -28.79
N LYS A 324 -46.68 -1.03 -29.41
CA LYS A 324 -48.07 -0.98 -29.00
C LYS A 324 -48.66 -2.33 -29.40
N ARG A 325 -48.36 -2.77 -30.62
CA ARG A 325 -48.72 -4.11 -31.10
C ARG A 325 -48.15 -5.26 -30.25
N SER A 326 -46.88 -5.12 -29.88
CA SER A 326 -46.19 -6.08 -29.02
C SER A 326 -46.85 -6.18 -27.65
N ASP A 327 -47.14 -5.04 -27.03
CA ASP A 327 -47.84 -5.00 -25.75
C ASP A 327 -49.25 -5.60 -25.83
N ALA A 328 -49.87 -5.51 -27.02
CA ALA A 328 -51.19 -6.11 -27.28
C ALA A 328 -51.18 -7.62 -27.19
N GLU A 329 -50.17 -8.23 -27.79
CA GLU A 329 -50.12 -9.67 -28.01
C GLU A 329 -49.98 -10.53 -26.78
N GLU A 330 -50.67 -11.65 -26.78
CA GLU A 330 -50.42 -12.67 -25.79
C GLU A 330 -49.45 -13.69 -26.38
N VAL A 331 -48.32 -13.84 -25.70
CA VAL A 331 -47.24 -14.65 -26.22
C VAL A 331 -46.86 -15.60 -25.10
N ASP A 332 -46.88 -16.90 -25.41
CA ASP A 332 -46.50 -17.91 -24.44
C ASP A 332 -44.97 -17.99 -24.49
N PHE A 333 -44.35 -16.92 -23.95
CA PHE A 333 -42.91 -16.76 -23.89
C PHE A 333 -42.27 -17.92 -23.13
N ALA A 334 -42.79 -18.20 -21.94
CA ALA A 334 -42.39 -19.34 -21.09
C ALA A 334 -42.31 -20.65 -21.91
N GLY A 335 -43.40 -20.92 -22.66
CA GLY A 335 -43.53 -22.08 -23.53
C GLY A 335 -42.37 -22.10 -24.49
N TRP A 336 -42.23 -21.01 -25.24
CA TRP A 336 -41.16 -20.89 -26.22
C TRP A 336 -39.79 -21.12 -25.55
N LEU A 337 -39.56 -20.47 -24.39
CA LEU A 337 -38.27 -20.55 -23.72
C LEU A 337 -37.88 -21.97 -23.24
N CYS A 338 -38.77 -22.61 -22.51
CA CYS A 338 -38.47 -23.97 -22.04
C CYS A 338 -38.23 -24.92 -23.21
N SER A 339 -39.08 -24.88 -24.25
CA SER A 339 -38.92 -25.85 -25.32
C SER A 339 -37.56 -25.64 -25.97
N THR A 340 -37.15 -24.36 -26.08
CA THR A 340 -35.93 -23.98 -26.75
C THR A 340 -34.77 -24.61 -26.05
N ILE A 341 -34.78 -24.52 -24.71
CA ILE A 341 -33.60 -24.90 -23.95
C ILE A 341 -33.74 -26.24 -23.24
N GLY A 342 -34.95 -26.78 -23.18
CA GLY A 342 -35.21 -28.02 -22.43
C GLY A 342 -35.45 -27.86 -20.94
N LEU A 343 -36.60 -27.29 -20.56
CA LEU A 343 -37.18 -27.42 -19.21
C LEU A 343 -38.66 -27.87 -19.32
N ASN A 344 -39.22 -28.44 -18.24
CA ASN A 344 -40.59 -28.99 -18.30
N LEU B 2 1.84 13.26 -51.81
CA LEU B 2 1.58 12.30 -50.69
C LEU B 2 1.62 10.81 -51.12
N GLU B 3 2.42 10.53 -52.16
CA GLU B 3 2.67 9.14 -52.57
C GLU B 3 4.10 8.89 -53.04
N LEU B 4 4.59 9.80 -53.88
CA LEU B 4 5.75 9.57 -54.75
C LEU B 4 7.14 9.91 -54.18
N ASP B 5 8.00 8.89 -54.11
CA ASP B 5 9.45 9.05 -53.95
C ASP B 5 10.07 7.70 -54.26
N GLU B 6 11.09 7.71 -55.13
CA GLU B 6 11.85 6.50 -55.46
C GLU B 6 12.61 6.04 -54.22
N GLN B 7 13.11 7.01 -53.43
CA GLN B 7 13.84 6.74 -52.19
C GLN B 7 12.92 6.21 -51.08
N GLN B 8 11.77 6.87 -50.86
CA GLN B 8 10.79 6.45 -49.85
C GLN B 8 10.37 4.99 -50.05
N ARG B 9 10.12 4.65 -51.32
CA ARG B 9 9.75 3.30 -51.73
C ARG B 9 10.88 2.29 -51.54
N LYS B 10 12.12 2.72 -51.76
CA LYS B 10 13.31 1.84 -51.70
C LYS B 10 13.72 1.55 -50.27
N ARG B 11 13.58 2.54 -49.38
CA ARG B 11 13.87 2.38 -47.94
C ARG B 11 12.83 1.51 -47.23
N LEU B 12 11.54 1.74 -47.52
CA LEU B 12 10.45 0.88 -47.05
C LEU B 12 10.55 -0.55 -47.58
N GLU B 13 11.01 -0.68 -48.83
CA GLU B 13 11.24 -1.97 -49.42
C GLU B 13 12.43 -2.62 -48.70
N ALA B 14 13.51 -1.87 -48.50
CA ALA B 14 14.71 -2.39 -47.85
C ALA B 14 14.49 -2.70 -46.37
N PHE B 15 13.51 -2.04 -45.75
CA PHE B 15 13.07 -2.41 -44.40
C PHE B 15 12.43 -3.80 -44.41
N LEU B 16 11.44 -3.98 -45.30
CA LEU B 16 10.70 -5.24 -45.47
C LEU B 16 11.62 -6.45 -45.79
N THR B 17 12.70 -6.18 -46.53
CA THR B 17 13.79 -7.14 -46.79
C THR B 17 14.60 -7.46 -45.53
N GLN B 18 14.91 -6.42 -44.73
CA GLN B 18 15.60 -6.61 -43.44
C GLN B 18 14.70 -7.36 -42.47
N LYS B 19 13.39 -7.21 -42.67
CA LYS B 19 12.35 -7.66 -41.77
C LYS B 19 12.42 -9.16 -41.54
N GLN B 20 11.93 -9.91 -42.52
CA GLN B 20 11.79 -11.36 -42.41
C GLN B 20 13.09 -12.10 -42.05
N LYS B 21 14.25 -11.44 -42.22
CA LYS B 21 15.57 -11.99 -41.81
C LYS B 21 15.69 -12.23 -40.30
N VAL B 22 14.79 -11.60 -39.54
CA VAL B 22 14.62 -11.91 -38.12
C VAL B 22 14.09 -13.35 -37.96
N GLY B 23 13.14 -13.71 -38.82
CA GLY B 23 12.37 -14.94 -38.72
C GLY B 23 11.42 -14.81 -37.55
N GLU B 24 11.40 -15.82 -36.69
CA GLU B 24 10.65 -15.78 -35.44
C GLU B 24 11.48 -15.17 -34.35
N LEU B 25 10.84 -14.39 -33.49
CA LEU B 25 11.53 -13.63 -32.46
C LEU B 25 11.33 -14.26 -31.08
N LYS B 26 12.42 -14.73 -30.47
CA LYS B 26 12.38 -15.32 -29.13
C LYS B 26 13.24 -14.52 -28.16
N ASP B 27 12.78 -14.49 -26.90
CA ASP B 27 13.43 -13.79 -25.78
C ASP B 27 14.95 -13.95 -25.71
N ASP B 28 15.42 -15.16 -25.99
CA ASP B 28 16.84 -15.44 -26.01
C ASP B 28 17.59 -14.63 -27.07
N ASP B 29 16.95 -14.41 -28.22
CA ASP B 29 17.59 -13.77 -29.37
C ASP B 29 18.02 -12.31 -29.20
N PHE B 30 17.75 -11.73 -28.03
CA PHE B 30 18.02 -10.31 -27.83
C PHE B 30 19.00 -10.02 -26.72
N GLU B 31 20.07 -9.30 -27.08
CA GLU B 31 20.99 -8.70 -26.12
C GLU B 31 20.70 -7.19 -25.87
N LYS B 32 20.18 -6.91 -24.67
CA LYS B 32 19.91 -5.56 -24.19
C LYS B 32 21.20 -4.70 -24.23
N ILE B 33 21.29 -3.81 -25.22
CA ILE B 33 22.42 -2.85 -25.32
C ILE B 33 22.33 -1.70 -24.30
N SER B 34 21.22 -0.98 -24.31
CA SER B 34 21.02 0.18 -23.43
C SER B 34 19.53 0.42 -23.27
N GLU B 35 19.17 1.36 -22.40
CA GLU B 35 17.78 1.82 -22.28
C GLU B 35 17.53 3.08 -23.16
N LEU B 36 16.28 3.29 -23.62
CA LEU B 36 15.95 4.41 -24.54
C LEU B 36 14.95 5.46 -24.04
N GLY B 37 14.00 5.05 -23.23
CA GLY B 37 13.02 5.99 -22.68
C GLY B 37 11.88 5.22 -22.04
N ALA B 38 10.82 5.94 -21.66
CA ALA B 38 9.60 5.37 -21.02
C ALA B 38 8.33 6.18 -21.31
N GLY B 39 7.20 5.48 -21.39
CA GLY B 39 5.90 6.13 -21.41
C GLY B 39 5.02 5.71 -20.23
N ASN B 40 3.72 5.64 -20.53
CA ASN B 40 2.73 5.00 -19.66
C ASN B 40 2.53 3.54 -20.10
N GLY B 41 3.16 3.18 -21.22
CA GLY B 41 3.12 1.81 -21.74
C GLY B 41 4.14 1.01 -20.96
N GLY B 42 5.32 0.82 -21.55
CA GLY B 42 6.41 0.15 -20.85
C GLY B 42 7.73 0.90 -20.83
N VAL B 43 8.79 0.12 -20.73
CA VAL B 43 10.12 0.65 -20.87
C VAL B 43 10.68 0.09 -22.17
N VAL B 44 11.45 0.92 -22.87
CA VAL B 44 12.03 0.54 -24.15
C VAL B 44 13.55 0.42 -24.00
N PHE B 45 14.14 -0.58 -24.65
CA PHE B 45 15.58 -0.78 -24.67
C PHE B 45 16.03 -0.86 -26.10
N LYS B 46 17.23 -0.35 -26.36
CA LYS B 46 17.95 -0.68 -27.58
C LYS B 46 18.43 -2.09 -27.33
N VAL B 47 18.35 -2.92 -28.36
CA VAL B 47 18.78 -4.30 -28.28
C VAL B 47 19.44 -4.73 -29.58
N SER B 48 20.40 -5.66 -29.47
CA SER B 48 20.91 -6.38 -30.63
C SER B 48 20.17 -7.71 -30.77
N HIS B 49 19.86 -8.04 -32.02
CA HIS B 49 19.20 -9.29 -32.36
C HIS B 49 20.24 -10.14 -33.05
N LYS B 50 20.60 -11.23 -32.37
CA LYS B 50 21.69 -12.12 -32.76
C LYS B 50 21.44 -12.84 -34.10
N PRO B 51 20.29 -13.55 -34.26
CA PRO B 51 20.03 -14.24 -35.55
C PRO B 51 20.13 -13.43 -36.83
N SER B 52 20.28 -12.12 -36.70
CA SER B 52 20.49 -11.30 -37.89
C SER B 52 21.43 -10.11 -37.72
N GLY B 53 21.96 -9.92 -36.52
CA GLY B 53 22.75 -8.72 -36.21
C GLY B 53 22.00 -7.44 -36.59
N LEU B 54 20.76 -7.33 -36.10
CA LEU B 54 19.98 -6.11 -36.27
C LEU B 54 19.95 -5.41 -34.93
N VAL B 55 19.97 -4.08 -35.00
CA VAL B 55 19.78 -3.23 -33.82
C VAL B 55 18.30 -2.86 -33.80
N MET B 56 17.70 -3.02 -32.63
CA MET B 56 16.27 -2.84 -32.49
C MET B 56 15.90 -2.10 -31.23
N ALA B 57 14.77 -1.40 -31.33
CA ALA B 57 14.07 -0.91 -30.16
C ALA B 57 13.09 -1.98 -29.74
N ARG B 58 13.07 -2.31 -28.46
CA ARG B 58 12.16 -3.35 -27.95
C ARG B 58 11.36 -2.84 -26.77
N LYS B 59 10.05 -2.77 -26.94
CA LYS B 59 9.18 -2.17 -25.95
C LYS B 59 8.58 -3.31 -25.17
N LEU B 60 8.77 -3.26 -23.85
CA LEU B 60 8.27 -4.33 -22.97
C LEU B 60 7.03 -3.86 -22.28
N ILE B 61 5.95 -4.63 -22.44
CA ILE B 61 4.72 -4.36 -21.74
C ILE B 61 4.52 -5.47 -20.73
N HIS B 62 4.52 -5.07 -19.47
CA HIS B 62 4.44 -5.97 -18.32
C HIS B 62 2.97 -6.08 -17.84
N LEU B 63 2.13 -6.67 -18.70
CA LEU B 63 0.77 -7.10 -18.31
C LEU B 63 0.57 -8.58 -18.61
N GLU B 64 0.12 -9.33 -17.60
CA GLU B 64 -0.09 -10.79 -17.73
C GLU B 64 -1.41 -11.07 -18.46
N ILE B 65 -1.39 -12.11 -19.29
CA ILE B 65 -2.54 -12.49 -20.12
C ILE B 65 -2.79 -13.99 -19.97
N LYS B 66 -3.99 -14.35 -19.53
CA LYS B 66 -4.44 -15.75 -19.40
C LYS B 66 -4.12 -16.52 -20.70
N PRO B 67 -3.34 -17.65 -20.61
CA PRO B 67 -2.74 -18.28 -21.81
C PRO B 67 -3.75 -18.61 -22.91
N ALA B 68 -5.02 -18.71 -22.50
CA ALA B 68 -6.15 -19.00 -23.38
C ALA B 68 -6.31 -18.01 -24.55
N ILE B 69 -6.45 -16.72 -24.23
CA ILE B 69 -6.64 -15.69 -25.26
C ILE B 69 -5.36 -15.12 -25.89
N ARG B 70 -4.20 -15.50 -25.32
CA ARG B 70 -2.89 -14.91 -25.63
C ARG B 70 -2.52 -14.81 -27.09
N ASN B 71 -2.45 -15.94 -27.79
CA ASN B 71 -2.16 -15.95 -29.22
C ASN B 71 -3.14 -15.08 -30.04
N GLN B 72 -4.39 -15.00 -29.59
CA GLN B 72 -5.41 -14.18 -30.24
C GLN B 72 -5.14 -12.69 -30.08
N ILE B 73 -4.76 -12.26 -28.86
CA ILE B 73 -4.38 -10.85 -28.62
C ILE B 73 -3.11 -10.44 -29.40
N ILE B 74 -2.12 -11.32 -29.51
CA ILE B 74 -0.88 -11.04 -30.26
C ILE B 74 -1.18 -10.95 -31.75
N ARG B 75 -2.04 -11.81 -32.30
CA ARG B 75 -2.37 -11.71 -33.75
C ARG B 75 -2.99 -10.36 -34.07
N GLU B 76 -3.96 -9.96 -33.24
CA GLU B 76 -4.59 -8.64 -33.28
C GLU B 76 -3.54 -7.53 -33.31
N LEU B 77 -2.60 -7.63 -32.37
CA LEU B 77 -1.54 -6.65 -32.16
C LEU B 77 -0.57 -6.66 -33.31
N GLN B 78 -0.40 -7.81 -33.95
CA GLN B 78 0.38 -7.88 -35.16
C GLN B 78 -0.35 -7.25 -36.34
N VAL B 79 -1.60 -7.60 -36.57
CA VAL B 79 -2.35 -6.99 -37.65
C VAL B 79 -2.35 -5.46 -37.54
N LEU B 80 -2.53 -4.97 -36.31
CA LEU B 80 -2.57 -3.54 -36.00
C LEU B 80 -1.26 -2.85 -36.28
N HIS B 81 -0.15 -3.49 -35.91
CA HIS B 81 1.18 -2.89 -35.93
C HIS B 81 1.92 -3.01 -37.28
N GLU B 82 1.55 -3.97 -38.14
CA GLU B 82 2.17 -4.13 -39.50
C GLU B 82 1.68 -3.04 -40.42
N CYS B 83 2.19 -1.83 -40.21
CA CYS B 83 2.00 -0.74 -41.16
C CYS B 83 3.11 -0.74 -42.19
N ASN B 84 2.96 0.13 -43.17
CA ASN B 84 3.99 0.34 -44.15
C ASN B 84 3.86 1.79 -44.59
N SER B 85 4.58 2.66 -43.88
CA SER B 85 4.52 4.11 -44.09
C SER B 85 5.84 4.66 -43.72
N PRO B 86 6.34 5.62 -44.51
CA PRO B 86 7.60 6.16 -44.04
C PRO B 86 7.39 7.14 -42.83
N TYR B 87 6.13 7.38 -42.47
CA TYR B 87 5.79 8.25 -41.35
C TYR B 87 5.47 7.49 -40.08
N ILE B 88 5.56 6.17 -40.12
CA ILE B 88 5.28 5.33 -38.96
C ILE B 88 6.49 4.44 -38.77
N VAL B 89 7.04 4.38 -37.56
CA VAL B 89 8.24 3.57 -37.32
C VAL B 89 8.00 2.13 -37.81
N GLY B 90 9.04 1.51 -38.32
CA GLY B 90 8.94 0.15 -38.82
C GLY B 90 8.71 -0.86 -37.71
N PHE B 91 7.94 -1.91 -38.06
CA PHE B 91 7.54 -2.96 -37.11
C PHE B 91 8.17 -4.33 -37.42
N TYR B 92 8.91 -4.88 -36.48
CA TYR B 92 9.63 -6.14 -36.71
C TYR B 92 8.84 -7.37 -36.29
N GLY B 93 8.03 -7.21 -35.25
CA GLY B 93 7.25 -8.29 -34.71
C GLY B 93 6.92 -8.09 -33.26
N ALA B 94 6.01 -8.95 -32.79
CA ALA B 94 5.62 -9.05 -31.39
C ALA B 94 5.70 -10.52 -30.89
N PHE B 95 5.81 -10.69 -29.58
CA PHE B 95 5.75 -12.00 -28.94
C PHE B 95 5.43 -11.85 -27.47
N TYR B 96 5.29 -12.98 -26.78
CA TYR B 96 4.99 -12.99 -25.36
C TYR B 96 5.83 -14.04 -24.65
N SER B 97 6.82 -13.57 -23.91
CA SER B 97 7.61 -14.46 -23.09
C SER B 97 7.65 -13.89 -21.69
N ASP B 98 7.43 -14.75 -20.70
CA ASP B 98 7.71 -14.46 -19.29
C ASP B 98 6.83 -13.31 -18.76
N GLY B 99 5.52 -13.47 -18.89
CA GLY B 99 4.56 -12.44 -18.44
C GLY B 99 4.63 -11.08 -19.14
N GLU B 100 5.26 -11.05 -20.33
CA GLU B 100 5.61 -9.80 -21.02
C GLU B 100 5.40 -9.80 -22.54
N ILE B 101 4.62 -8.82 -23.03
CA ILE B 101 4.52 -8.54 -24.46
C ILE B 101 5.74 -7.73 -24.89
N SER B 102 6.38 -8.15 -25.97
CA SER B 102 7.53 -7.44 -26.48
C SER B 102 7.28 -7.04 -27.91
N ILE B 103 6.89 -5.78 -28.11
CA ILE B 103 6.89 -5.15 -29.45
C ILE B 103 8.32 -4.83 -29.87
N CYS B 104 8.72 -5.29 -31.05
CA CYS B 104 10.04 -4.96 -31.59
C CYS B 104 10.02 -4.02 -32.79
N MET B 105 10.79 -2.93 -32.72
CA MET B 105 10.77 -1.86 -33.73
C MET B 105 12.13 -1.42 -34.25
N GLU B 106 12.14 -0.92 -35.49
CA GLU B 106 13.18 0.00 -35.98
C GLU B 106 13.59 0.98 -34.89
N HIS B 107 14.90 1.08 -34.67
CA HIS B 107 15.50 2.03 -33.73
C HIS B 107 15.68 3.42 -34.33
N MET B 108 15.16 4.40 -33.63
CA MET B 108 15.18 5.75 -34.14
C MET B 108 16.24 6.46 -33.33
N ASP B 109 17.39 6.70 -33.95
CA ASP B 109 18.59 7.06 -33.18
C ASP B 109 18.50 8.49 -32.70
N GLY B 110 17.43 9.17 -33.09
CA GLY B 110 17.20 10.51 -32.59
C GLY B 110 16.45 10.51 -31.29
N GLY B 111 15.69 9.46 -31.01
CA GLY B 111 14.81 9.44 -29.84
C GLY B 111 13.61 10.30 -30.11
N SER B 112 12.89 10.62 -29.04
CA SER B 112 11.63 11.33 -29.16
C SER B 112 11.75 12.86 -29.08
N LEU B 113 10.69 13.56 -29.45
CA LEU B 113 10.75 15.01 -29.44
C LEU B 113 10.77 15.67 -28.05
N ASP B 114 10.00 15.18 -27.09
CA ASP B 114 10.17 15.58 -25.68
C ASP B 114 11.64 15.41 -25.22
N GLN B 115 12.34 14.35 -25.66
CA GLN B 115 13.78 14.25 -25.39
C GLN B 115 14.57 15.34 -26.10
N VAL B 116 14.53 15.36 -27.44
CA VAL B 116 15.09 16.47 -28.25
C VAL B 116 14.71 17.89 -27.69
N LEU B 117 13.48 18.06 -27.20
CA LEU B 117 13.12 19.34 -26.61
C LEU B 117 13.96 19.70 -25.38
N LYS B 118 14.23 18.71 -24.52
CA LYS B 118 15.13 18.90 -23.37
C LYS B 118 16.51 19.37 -23.84
N LYS B 119 17.14 18.67 -24.79
CA LYS B 119 18.43 19.17 -25.27
C LYS B 119 18.42 20.49 -26.08
N ALA B 120 17.29 20.95 -26.62
CA ALA B 120 17.31 22.14 -27.47
C ALA B 120 16.72 23.36 -26.80
N GLY B 121 16.00 23.13 -25.70
CA GLY B 121 15.27 24.18 -24.99
C GLY B 121 14.10 24.71 -25.80
N ARG B 122 14.34 25.05 -27.06
CA ARG B 122 13.25 25.37 -27.99
C ARG B 122 13.62 24.74 -29.29
N ILE B 123 12.61 24.41 -30.09
CA ILE B 123 12.84 23.87 -31.43
C ILE B 123 12.40 24.97 -32.37
N PRO B 124 13.25 25.31 -33.36
CA PRO B 124 12.96 26.46 -34.23
C PRO B 124 11.86 26.16 -35.26
N GLU B 125 11.12 27.19 -35.65
CA GLU B 125 10.03 27.14 -36.66
C GLU B 125 10.24 26.23 -37.89
N GLN B 126 11.40 26.31 -38.56
CA GLN B 126 11.54 25.51 -39.78
C GLN B 126 11.58 24.03 -39.47
N ILE B 127 12.22 23.65 -38.36
CA ILE B 127 12.21 22.26 -37.89
C ILE B 127 10.76 21.83 -37.61
N LEU B 128 10.03 22.61 -36.82
CA LEU B 128 8.65 22.28 -36.48
C LEU B 128 7.76 22.16 -37.73
N GLY B 129 8.06 22.98 -38.74
CA GLY B 129 7.47 22.84 -40.07
C GLY B 129 7.58 21.45 -40.63
N LYS B 130 8.78 20.88 -40.60
CA LYS B 130 9.00 19.55 -41.11
C LYS B 130 8.38 18.44 -40.21
N VAL B 131 8.34 18.69 -38.90
CA VAL B 131 7.69 17.80 -37.95
C VAL B 131 6.21 17.84 -38.27
N SER B 132 5.63 19.06 -38.29
CA SER B 132 4.25 19.28 -38.73
C SER B 132 3.86 18.47 -39.95
N ILE B 133 4.68 18.52 -41.03
CA ILE B 133 4.43 17.74 -42.26
C ILE B 133 4.36 16.24 -41.96
N ALA B 134 5.39 15.69 -41.33
CA ALA B 134 5.48 14.24 -41.15
C ALA B 134 4.34 13.70 -40.28
N VAL B 135 3.93 14.50 -39.29
CA VAL B 135 2.77 14.14 -38.44
C VAL B 135 1.49 14.11 -39.25
N ILE B 136 1.14 15.23 -39.89
CA ILE B 136 0.06 15.26 -40.86
C ILE B 136 0.12 14.08 -41.85
N LYS B 137 1.25 13.89 -42.54
CA LYS B 137 1.35 12.71 -43.41
C LYS B 137 1.01 11.44 -42.68
N GLY B 138 1.63 11.25 -41.52
CA GLY B 138 1.39 10.09 -40.66
C GLY B 138 -0.06 9.83 -40.28
N LEU B 139 -0.79 10.86 -39.81
CA LEU B 139 -2.21 10.66 -39.43
C LEU B 139 -3.01 10.24 -40.66
N THR B 140 -2.77 10.93 -41.78
CA THR B 140 -3.51 10.68 -43.02
C THR B 140 -3.43 9.20 -43.37
N TYR B 141 -2.24 8.63 -43.33
CA TYR B 141 -2.06 7.21 -43.65
C TYR B 141 -2.78 6.26 -42.69
N LEU B 142 -2.94 6.67 -41.46
CA LEU B 142 -3.74 5.93 -40.49
C LEU B 142 -5.27 6.12 -40.66
N ARG B 143 -5.69 7.29 -41.15
CA ARG B 143 -7.08 7.52 -41.64
C ARG B 143 -7.34 6.47 -42.75
N GLU B 144 -6.54 6.54 -43.82
CA GLU B 144 -6.60 5.62 -44.95
C GLU B 144 -6.21 4.16 -44.60
N LYS B 145 -6.33 3.77 -43.33
CA LYS B 145 -6.08 2.40 -42.88
C LYS B 145 -6.91 2.06 -41.64
N HIS B 146 -7.61 3.05 -41.10
CA HIS B 146 -8.60 2.86 -40.00
C HIS B 146 -7.94 2.47 -38.67
N LYS B 147 -6.67 2.80 -38.56
CA LYS B 147 -5.89 2.51 -37.38
C LYS B 147 -5.82 3.74 -36.43
N ILE B 148 -6.63 4.75 -36.71
CA ILE B 148 -6.49 6.03 -36.04
C ILE B 148 -6.85 6.01 -34.55
N MET B 149 -7.80 5.16 -34.21
CA MET B 149 -8.48 5.20 -32.91
C MET B 149 -7.50 4.88 -31.80
N HIS B 150 -6.41 4.25 -32.20
CA HIS B 150 -5.34 3.78 -31.31
C HIS B 150 -4.07 4.62 -31.33
N ARG B 151 -4.19 5.89 -31.73
CA ARG B 151 -3.02 6.73 -31.99
C ARG B 151 -3.28 8.16 -31.58
N ASP B 152 -2.56 8.55 -30.53
CA ASP B 152 -2.56 9.90 -29.97
C ASP B 152 -1.31 10.61 -30.48
N VAL B 153 -1.22 11.90 -30.18
CA VAL B 153 -0.06 12.67 -30.61
C VAL B 153 0.43 13.44 -29.41
N LYS B 154 1.72 13.30 -29.12
CA LYS B 154 2.38 14.19 -28.18
C LYS B 154 3.88 14.07 -28.39
N PRO B 155 4.64 14.99 -27.78
CA PRO B 155 6.04 15.03 -28.19
C PRO B 155 6.79 13.74 -27.95
N SER B 156 6.38 12.95 -26.96
CA SER B 156 7.04 11.65 -26.74
C SER B 156 6.74 10.57 -27.78
N ASN B 157 5.68 10.77 -28.58
CA ASN B 157 5.26 9.81 -29.64
C ASN B 157 5.70 10.19 -31.04
N ILE B 158 6.60 11.16 -31.13
CA ILE B 158 7.19 11.54 -32.40
C ILE B 158 8.67 11.24 -32.31
N LEU B 159 9.11 10.29 -33.13
CA LEU B 159 10.49 9.87 -33.09
C LEU B 159 11.22 10.52 -34.27
N VAL B 160 12.53 10.68 -34.15
CA VAL B 160 13.27 11.30 -35.22
C VAL B 160 14.57 10.53 -35.37
N ASN B 161 15.22 10.65 -36.53
CA ASN B 161 16.54 10.02 -36.68
C ASN B 161 17.57 10.86 -37.41
N SER B 162 18.78 10.36 -37.42
CA SER B 162 19.89 11.05 -38.04
C SER B 162 19.88 11.00 -39.54
N ARG B 163 18.99 10.24 -40.17
CA ARG B 163 18.79 10.45 -41.61
C ARG B 163 17.68 11.43 -41.94
N GLY B 164 17.31 12.23 -40.94
CA GLY B 164 16.41 13.35 -41.13
C GLY B 164 14.93 13.02 -41.11
N GLU B 165 14.63 11.75 -40.86
CA GLU B 165 13.25 11.23 -40.83
C GLU B 165 12.58 11.48 -39.50
N ILE B 166 11.25 11.55 -39.58
CA ILE B 166 10.36 11.86 -38.48
C ILE B 166 9.18 10.93 -38.66
N LYS B 167 8.75 10.29 -37.58
CA LYS B 167 7.73 9.23 -37.62
C LYS B 167 6.95 9.22 -36.31
N LEU B 168 5.65 8.96 -36.41
CA LEU B 168 4.84 8.61 -35.25
C LEU B 168 5.29 7.25 -34.79
N CYS B 169 5.05 6.91 -33.52
CA CYS B 169 5.53 5.58 -33.09
C CYS B 169 4.50 4.48 -32.98
N ASP B 170 4.95 3.39 -32.39
CA ASP B 170 4.17 2.28 -31.90
C ASP B 170 2.84 2.63 -31.19
N PHE B 171 1.87 1.75 -31.28
CA PHE B 171 0.58 1.94 -30.62
C PHE B 171 0.65 1.67 -29.11
N GLY B 172 -0.12 2.48 -28.39
CA GLY B 172 -0.43 2.23 -26.99
C GLY B 172 -1.25 0.95 -26.92
N VAL B 173 -0.53 -0.15 -26.70
CA VAL B 173 -1.13 -1.47 -26.44
C VAL B 173 -2.18 -1.50 -25.29
N SER B 174 -2.14 -0.51 -24.40
CA SER B 174 -3.14 -0.39 -23.36
C SER B 174 -4.53 -0.40 -23.96
N GLY B 175 -4.70 0.38 -25.02
CA GLY B 175 -6.00 0.69 -25.60
C GLY B 175 -6.62 -0.51 -26.29
N GLN B 176 -5.82 -1.20 -27.10
CA GLN B 176 -6.17 -2.51 -27.63
C GLN B 176 -6.68 -3.43 -26.52
N LEU B 177 -5.98 -3.57 -25.41
CA LEU B 177 -6.41 -4.49 -24.34
C LEU B 177 -7.65 -4.04 -23.57
N ILE B 178 -7.75 -2.74 -23.30
CA ILE B 178 -8.96 -2.15 -22.74
C ILE B 178 -10.19 -2.47 -23.62
N ASP B 179 -10.03 -2.33 -24.94
CA ASP B 179 -11.07 -2.67 -25.92
C ASP B 179 -11.43 -4.13 -25.94
N ASP B 180 -10.41 -4.99 -25.93
CA ASP B 180 -10.60 -6.42 -25.87
C ASP B 180 -11.42 -6.87 -24.63
N MET B 181 -11.18 -6.27 -23.46
CA MET B 181 -11.93 -6.66 -22.27
C MET B 181 -13.33 -6.08 -22.21
N ALA B 182 -13.50 -4.92 -22.84
CA ALA B 182 -14.76 -4.20 -22.75
C ALA B 182 -15.82 -4.75 -23.72
N ASN B 183 -15.37 -5.55 -24.70
CA ASN B 183 -16.23 -6.17 -25.68
C ASN B 183 -16.09 -7.67 -25.70
N ASP B 184 -16.81 -8.35 -26.58
CA ASP B 184 -16.63 -9.78 -26.74
C ASP B 184 -15.42 -10.05 -27.58
N PHE B 185 -14.31 -10.19 -26.88
CA PHE B 185 -13.05 -10.53 -27.51
C PHE B 185 -13.09 -11.87 -28.34
N VAL B 186 -13.71 -12.93 -27.84
CA VAL B 186 -13.66 -14.22 -28.58
C VAL B 186 -14.66 -14.31 -29.75
N GLY B 187 -15.82 -13.67 -29.62
CA GLY B 187 -16.81 -13.64 -30.69
C GLY B 187 -16.55 -12.53 -31.68
N THR B 188 -15.71 -11.58 -31.28
CA THR B 188 -15.48 -10.37 -32.05
C THR B 188 -16.82 -9.69 -32.22
N ARG B 189 -17.38 -9.26 -31.10
CA ARG B 189 -18.57 -8.44 -31.18
C ARG B 189 -18.51 -7.32 -30.17
N SER B 190 -18.98 -6.14 -30.61
CA SER B 190 -19.13 -5.00 -29.75
C SER B 190 -20.56 -4.50 -29.77
N TYR B 191 -21.06 -4.06 -28.63
CA TYR B 191 -22.39 -3.46 -28.54
C TYR B 191 -22.41 -1.98 -28.24
N MET B 192 -21.25 -1.32 -28.39
CA MET B 192 -21.12 0.11 -28.09
C MET B 192 -21.62 1.00 -29.23
N SER B 193 -22.25 2.11 -28.87
CA SER B 193 -22.73 3.09 -29.85
C SER B 193 -21.57 3.77 -30.61
N PRO B 194 -21.84 4.31 -31.81
CA PRO B 194 -20.68 4.94 -32.45
C PRO B 194 -20.27 6.24 -31.75
N GLU B 195 -21.20 6.97 -31.12
CA GLU B 195 -20.83 8.06 -30.17
C GLU B 195 -19.82 7.58 -29.14
N ARG B 196 -20.26 6.71 -28.23
CA ARG B 196 -19.43 6.16 -27.18
C ARG B 196 -18.08 5.64 -27.70
N LEU B 197 -18.06 5.02 -28.88
CA LEU B 197 -16.79 4.57 -29.48
C LEU B 197 -15.89 5.71 -30.01
N GLN B 198 -16.47 6.61 -30.81
CA GLN B 198 -15.84 7.87 -31.27
C GLN B 198 -16.00 8.91 -30.17
N GLY B 199 -15.26 8.74 -29.09
CA GLY B 199 -15.50 9.51 -27.87
C GLY B 199 -14.58 9.02 -26.77
N THR B 200 -14.30 7.72 -26.80
CA THR B 200 -13.41 7.10 -25.83
C THR B 200 -12.14 6.61 -26.49
N HIS B 201 -11.99 6.93 -27.77
CA HIS B 201 -10.78 6.60 -28.54
C HIS B 201 -10.25 7.83 -29.24
N TYR B 202 -9.00 7.79 -29.67
CA TYR B 202 -8.43 8.89 -30.45
C TYR B 202 -9.12 9.02 -31.83
N SER B 203 -9.03 10.22 -32.40
CA SER B 203 -9.59 10.50 -33.70
C SER B 203 -8.69 11.53 -34.32
N VAL B 204 -8.78 11.68 -35.65
CA VAL B 204 -7.98 12.70 -36.35
C VAL B 204 -8.22 14.10 -35.78
N GLN B 205 -9.44 14.41 -35.35
CA GLN B 205 -9.72 15.78 -34.96
C GLN B 205 -9.26 16.12 -33.57
N SER B 206 -9.17 15.10 -32.72
CA SER B 206 -8.54 15.30 -31.43
C SER B 206 -7.01 15.19 -31.57
N ASP B 207 -6.51 14.38 -32.52
CA ASP B 207 -5.08 14.36 -32.86
C ASP B 207 -4.52 15.74 -33.30
N ILE B 208 -5.25 16.43 -34.17
CA ILE B 208 -4.88 17.77 -34.66
C ILE B 208 -4.78 18.74 -33.51
N TRP B 209 -5.68 18.65 -32.52
CA TRP B 209 -5.52 19.46 -31.28
C TRP B 209 -4.20 19.11 -30.57
N SER B 210 -3.91 17.82 -30.44
CA SER B 210 -2.68 17.38 -29.80
C SER B 210 -1.45 17.89 -30.52
N MET B 211 -1.50 17.85 -31.85
CA MET B 211 -0.39 18.29 -32.65
C MET B 211 -0.11 19.77 -32.40
N GLY B 212 -1.12 20.60 -32.55
CA GLY B 212 -0.98 22.02 -32.36
C GLY B 212 -0.53 22.37 -30.96
N LEU B 213 -1.11 21.71 -29.97
CA LEU B 213 -0.66 21.86 -28.58
C LEU B 213 0.84 21.52 -28.44
N SER B 214 1.25 20.40 -29.04
CA SER B 214 2.64 19.96 -29.03
C SER B 214 3.52 20.92 -29.79
N LEU B 215 3.03 21.51 -30.89
CA LEU B 215 3.81 22.50 -31.64
C LEU B 215 4.07 23.77 -30.78
N VAL B 216 3.06 24.24 -30.06
CA VAL B 216 3.27 25.33 -29.10
C VAL B 216 4.32 24.99 -28.01
N GLU B 217 4.14 23.87 -27.31
CA GLU B 217 5.11 23.38 -26.31
C GLU B 217 6.57 23.46 -26.80
N MET B 218 6.83 22.76 -27.92
CA MET B 218 8.12 22.68 -28.54
C MET B 218 8.67 24.06 -28.95
N ALA B 219 7.76 24.94 -29.40
CA ALA B 219 8.14 26.26 -29.89
C ALA B 219 8.51 27.22 -28.77
N VAL B 220 7.87 27.09 -27.62
CA VAL B 220 8.09 28.02 -26.49
C VAL B 220 9.04 27.41 -25.44
N GLY B 221 9.20 26.09 -25.49
CA GLY B 221 10.13 25.40 -24.62
C GLY B 221 9.48 24.96 -23.32
N ARG B 222 8.15 25.06 -23.26
CA ARG B 222 7.36 24.71 -22.07
C ARG B 222 5.92 24.25 -22.40
N TYR B 223 5.42 23.29 -21.62
CA TYR B 223 3.99 22.96 -21.63
C TYR B 223 3.18 24.26 -21.42
N PRO B 224 2.36 24.62 -22.42
CA PRO B 224 1.82 26.00 -22.42
C PRO B 224 0.41 26.17 -21.82
N ILE B 225 -0.22 25.10 -21.33
CA ILE B 225 -1.66 25.13 -21.00
C ILE B 225 -2.04 25.94 -19.75
N PRO B 226 -1.20 25.95 -18.70
CA PRO B 226 -1.28 27.18 -17.90
C PRO B 226 -0.39 28.24 -18.59
N PRO B 227 -0.99 29.20 -19.35
CA PRO B 227 -0.24 30.07 -20.28
C PRO B 227 0.86 30.96 -19.65
N PRO B 228 1.94 31.24 -20.42
CA PRO B 228 2.93 32.17 -19.90
C PRO B 228 2.40 33.61 -19.97
N ASP B 229 2.43 34.27 -18.82
CA ASP B 229 2.06 35.68 -18.65
C ASP B 229 3.08 36.61 -19.31
N ALA B 230 2.89 37.92 -19.17
CA ALA B 230 3.82 38.94 -19.69
C ALA B 230 5.28 38.77 -19.22
N LYS B 231 5.47 38.21 -18.02
CA LYS B 231 6.79 38.02 -17.41
C LYS B 231 7.65 37.04 -18.18
N GLU B 232 7.17 35.79 -18.29
CA GLU B 232 7.90 34.68 -18.93
C GLU B 232 8.11 34.86 -20.46
N LEU B 233 7.08 35.37 -21.17
CA LEU B 233 7.13 35.70 -22.62
C LEU B 233 7.90 37.02 -22.91
N GLU B 234 8.87 37.30 -22.04
CA GLU B 234 9.85 38.39 -22.13
C GLU B 234 11.18 37.94 -21.49
N LEU B 235 11.11 36.94 -20.61
CA LEU B 235 12.29 36.20 -20.11
C LEU B 235 12.86 35.27 -21.18
N MET B 236 11.97 34.47 -21.78
CA MET B 236 12.32 33.53 -22.85
C MET B 236 12.92 34.28 -24.06
N PHE B 237 12.14 35.17 -24.68
CA PHE B 237 12.57 35.95 -25.86
C PHE B 237 13.04 37.37 -25.41
N GLY B 238 12.96 38.37 -26.29
CA GLY B 238 13.28 39.75 -25.94
C GLY B 238 12.03 40.61 -25.86
N ALA B 271 -1.29 22.47 -10.43
CA ALA B 271 -2.43 21.70 -9.90
C ALA B 271 -3.00 20.69 -10.94
N ILE B 272 -3.36 19.50 -10.47
CA ILE B 272 -3.65 18.33 -11.34
C ILE B 272 -4.97 18.34 -12.09
N PHE B 273 -6.07 18.61 -11.38
CA PHE B 273 -7.41 18.73 -11.97
C PHE B 273 -7.70 20.17 -12.49
N GLU B 274 -6.91 21.15 -12.04
CA GLU B 274 -7.00 22.55 -12.51
C GLU B 274 -6.64 22.67 -14.00
N LEU B 275 -5.83 21.72 -14.47
CA LEU B 275 -5.37 21.61 -15.84
C LEU B 275 -6.50 21.26 -16.79
N LEU B 276 -7.10 20.09 -16.55
CA LEU B 276 -8.21 19.59 -17.35
C LEU B 276 -9.45 20.51 -17.24
N ASP B 277 -9.54 21.27 -16.14
CA ASP B 277 -10.55 22.31 -15.96
C ASP B 277 -10.22 23.50 -16.87
N TYR B 278 -8.96 23.97 -16.77
CA TYR B 278 -8.45 25.08 -17.59
C TYR B 278 -8.54 24.83 -19.09
N ILE B 279 -8.27 23.58 -19.52
CA ILE B 279 -8.33 23.19 -20.95
C ILE B 279 -9.71 23.43 -21.55
N VAL B 280 -10.75 23.05 -20.81
CA VAL B 280 -12.13 23.16 -21.28
C VAL B 280 -12.74 24.55 -21.02
N ASN B 281 -12.35 25.20 -19.92
CA ASN B 281 -12.97 26.48 -19.53
C ASN B 281 -12.43 27.72 -20.26
N GLU B 282 -11.22 28.13 -19.88
CA GLU B 282 -10.51 29.32 -20.39
C GLU B 282 -9.99 29.15 -21.85
N PRO B 283 -9.70 30.27 -22.58
CA PRO B 283 -9.37 30.22 -24.03
C PRO B 283 -8.05 29.46 -24.37
N PRO B 284 -7.96 28.87 -25.60
CA PRO B 284 -6.78 28.09 -26.06
C PRO B 284 -5.40 28.76 -25.94
N PRO B 285 -4.32 27.96 -25.99
CA PRO B 285 -3.02 28.63 -26.05
C PRO B 285 -2.66 29.05 -27.49
N LYS B 286 -1.77 30.03 -27.62
CA LYS B 286 -1.26 30.46 -28.93
C LYS B 286 0.20 30.90 -28.88
N LEU B 287 0.87 30.83 -30.03
CA LEU B 287 2.26 31.25 -30.13
C LEU B 287 2.40 32.74 -29.82
N PRO B 288 3.46 33.11 -29.07
CA PRO B 288 3.79 34.51 -28.88
C PRO B 288 3.96 35.23 -30.21
N SER B 289 3.50 36.48 -30.23
CA SER B 289 3.58 37.35 -31.39
C SER B 289 5.00 37.87 -31.63
N GLY B 290 5.30 38.11 -32.90
CA GLY B 290 6.52 38.83 -33.29
C GLY B 290 7.68 37.92 -33.56
N VAL B 291 7.76 36.87 -32.75
CA VAL B 291 8.87 35.92 -32.78
C VAL B 291 8.56 34.65 -33.61
N PHE B 292 7.29 34.44 -33.94
CA PHE B 292 6.93 33.38 -34.91
C PHE B 292 6.19 33.96 -36.07
N SER B 293 6.28 33.30 -37.23
CA SER B 293 5.74 33.90 -38.42
C SER B 293 4.23 33.94 -38.33
N LEU B 294 3.53 34.71 -39.15
CA LEU B 294 2.06 34.62 -39.14
C LEU B 294 1.61 33.25 -39.63
N GLU B 295 2.21 32.75 -40.70
CA GLU B 295 1.83 31.44 -41.22
C GLU B 295 1.78 30.36 -40.16
N PHE B 296 2.82 30.31 -39.33
CA PHE B 296 2.91 29.42 -38.15
C PHE B 296 1.78 29.72 -37.14
N GLN B 297 1.74 30.96 -36.63
CA GLN B 297 0.64 31.46 -35.76
C GLN B 297 -0.79 31.04 -36.17
N ASP B 298 -1.08 31.11 -37.47
CA ASP B 298 -2.38 30.72 -38.01
C ASP B 298 -2.56 29.23 -37.91
N PHE B 299 -1.52 28.52 -38.30
CA PHE B 299 -1.55 27.08 -38.35
C PHE B 299 -1.85 26.49 -36.97
N VAL B 300 -1.14 26.90 -35.91
CA VAL B 300 -1.47 26.42 -34.54
C VAL B 300 -2.91 26.75 -34.16
N ASN B 301 -3.34 28.00 -34.40
CA ASN B 301 -4.74 28.41 -34.20
C ASN B 301 -5.80 27.48 -34.86
N LYS B 302 -5.60 27.14 -36.13
CA LYS B 302 -6.50 26.23 -36.82
C LYS B 302 -6.55 24.87 -36.17
N CYS B 303 -5.40 24.42 -35.66
CA CYS B 303 -5.28 23.16 -34.89
C CYS B 303 -5.95 23.19 -33.51
N LEU B 304 -6.23 24.39 -32.98
CA LEU B 304 -6.59 24.57 -31.58
C LEU B 304 -7.91 25.36 -31.34
N ILE B 305 -8.85 25.30 -32.29
CA ILE B 305 -10.20 25.83 -32.02
C ILE B 305 -10.86 24.79 -31.15
N LYS B 306 -11.59 25.23 -30.12
CA LYS B 306 -12.29 24.31 -29.22
C LYS B 306 -13.26 23.33 -29.89
N ASN B 307 -14.04 23.77 -30.89
CA ASN B 307 -14.98 22.87 -31.54
C ASN B 307 -14.36 22.02 -32.65
N PRO B 308 -14.25 20.70 -32.42
CA PRO B 308 -13.63 19.75 -33.38
C PRO B 308 -14.09 19.86 -34.83
N ALA B 309 -15.34 20.31 -35.03
CA ALA B 309 -15.92 20.46 -36.38
C ALA B 309 -15.32 21.68 -37.08
N GLU B 310 -15.28 22.83 -36.39
CA GLU B 310 -14.60 24.03 -36.89
C GLU B 310 -13.10 23.76 -37.16
N ARG B 311 -12.33 23.44 -36.11
CA ARG B 311 -10.95 22.95 -36.20
C ARG B 311 -10.62 22.13 -37.45
N ALA B 312 -9.43 22.36 -38.01
CA ALA B 312 -9.15 21.92 -39.37
C ALA B 312 -8.83 20.45 -39.45
N ASP B 313 -9.00 19.86 -40.62
CA ASP B 313 -8.64 18.46 -40.84
C ASP B 313 -7.44 18.36 -41.76
N LEU B 314 -6.96 17.17 -42.01
CA LEU B 314 -5.72 16.97 -42.77
C LEU B 314 -5.77 17.35 -44.28
N LYS B 315 -6.94 17.73 -44.77
CA LYS B 315 -7.07 18.13 -46.17
C LYS B 315 -6.92 19.66 -46.27
N GLN B 316 -7.41 20.39 -45.26
CA GLN B 316 -7.17 21.83 -45.09
C GLN B 316 -5.70 22.14 -44.73
N LEU B 317 -5.18 21.41 -43.74
CA LEU B 317 -3.86 21.65 -43.19
C LEU B 317 -2.80 21.28 -44.23
N MET B 318 -3.05 20.24 -45.00
CA MET B 318 -2.14 19.80 -46.04
C MET B 318 -1.92 20.89 -47.14
N VAL B 319 -2.74 21.95 -47.13
CA VAL B 319 -2.67 23.07 -48.09
C VAL B 319 -2.73 24.45 -47.41
N HIS B 320 -2.43 24.47 -46.11
CA HIS B 320 -2.26 25.71 -45.36
C HIS B 320 -0.90 26.34 -45.70
N ALA B 321 -0.92 27.68 -45.70
CA ALA B 321 0.23 28.48 -46.03
C ALA B 321 1.50 27.95 -45.35
N PHE B 322 1.39 27.61 -44.05
CA PHE B 322 2.51 27.14 -43.23
C PHE B 322 3.10 25.84 -43.75
N ILE B 323 2.22 24.97 -44.24
CA ILE B 323 2.70 23.69 -44.72
C ILE B 323 3.29 23.79 -46.14
N LYS B 324 2.69 24.59 -47.03
CA LYS B 324 3.27 24.75 -48.39
C LYS B 324 4.67 25.42 -48.31
N ARG B 325 4.80 26.43 -47.43
CA ARG B 325 6.11 27.05 -47.10
C ARG B 325 7.12 26.05 -46.53
N SER B 326 6.71 25.28 -45.50
CA SER B 326 7.56 24.25 -44.92
C SER B 326 8.04 23.25 -45.96
N ASP B 327 7.13 22.86 -46.85
CA ASP B 327 7.36 21.73 -47.72
C ASP B 327 8.31 22.14 -48.83
N ALA B 328 8.29 23.44 -49.13
CA ALA B 328 9.18 24.08 -50.10
C ALA B 328 10.60 24.24 -49.53
N GLU B 329 10.71 24.82 -48.31
CA GLU B 329 11.98 25.07 -47.57
C GLU B 329 12.96 23.91 -47.57
N GLU B 330 14.25 24.22 -47.61
CA GLU B 330 15.24 23.15 -47.63
C GLU B 330 16.02 23.20 -46.33
N VAL B 331 15.63 22.32 -45.41
CA VAL B 331 15.99 22.43 -44.00
C VAL B 331 16.98 21.35 -43.68
N ASP B 332 18.10 21.68 -43.05
CA ASP B 332 19.05 20.64 -42.64
C ASP B 332 18.63 20.14 -41.25
N PHE B 333 17.62 19.27 -41.24
CA PHE B 333 17.06 18.72 -40.03
C PHE B 333 18.08 17.78 -39.37
N ALA B 334 18.65 16.85 -40.15
CA ALA B 334 19.63 15.89 -39.58
C ALA B 334 20.81 16.60 -38.95
N GLY B 335 21.30 17.65 -39.63
CA GLY B 335 22.38 18.47 -39.13
C GLY B 335 22.00 18.99 -37.77
N TRP B 336 20.85 19.65 -37.72
CA TRP B 336 20.36 20.31 -36.54
C TRP B 336 20.17 19.28 -35.42
N LEU B 337 19.57 18.14 -35.76
CA LEU B 337 19.21 17.11 -34.77
C LEU B 337 20.44 16.51 -34.11
N CYS B 338 21.43 16.20 -34.93
CA CYS B 338 22.69 15.64 -34.50
C CYS B 338 23.40 16.60 -33.56
N SER B 339 23.46 17.86 -33.97
CA SER B 339 24.08 18.92 -33.20
C SER B 339 23.35 19.08 -31.88
N THR B 340 22.03 18.86 -31.89
CA THR B 340 21.17 19.17 -30.76
C THR B 340 21.36 18.15 -29.66
N ILE B 341 21.72 16.93 -30.06
CA ILE B 341 21.75 15.80 -29.15
C ILE B 341 23.13 15.18 -29.06
N GLY B 342 24.07 15.58 -29.92
CA GLY B 342 25.42 14.98 -29.94
C GLY B 342 25.51 13.59 -30.58
N LEU B 343 25.47 13.51 -31.92
CA LEU B 343 25.84 12.28 -32.63
C LEU B 343 27.08 12.41 -33.52
N ASN B 344 27.71 11.27 -33.85
CA ASN B 344 29.01 11.21 -34.60
C ASN B 344 30.22 11.76 -33.82
N LEU C 2 1.49 -12.91 -4.92
CA LEU C 2 0.34 -13.04 -3.97
C LEU C 2 0.01 -14.54 -3.58
N GLU C 3 -0.92 -14.72 -2.62
CA GLU C 3 -1.17 -15.99 -1.89
C GLU C 3 -1.36 -17.24 -2.77
N LEU C 4 -0.39 -18.15 -2.67
CA LEU C 4 -0.33 -19.35 -3.52
C LEU C 4 0.22 -20.58 -2.73
N ASP C 5 0.22 -21.76 -3.37
CA ASP C 5 0.86 -22.99 -2.87
C ASP C 5 1.00 -24.03 -3.99
N GLU C 6 2.24 -24.36 -4.37
CA GLU C 6 2.48 -25.32 -5.45
C GLU C 6 3.20 -26.61 -5.03
N GLN C 7 4.55 -26.56 -5.04
CA GLN C 7 5.39 -27.66 -4.54
C GLN C 7 5.32 -27.71 -3.01
N GLN C 8 5.22 -26.52 -2.40
CA GLN C 8 5.17 -26.30 -0.96
C GLN C 8 4.18 -27.21 -0.24
N ARG C 9 3.05 -27.46 -0.91
CA ARG C 9 1.98 -28.33 -0.40
C ARG C 9 2.49 -29.74 -0.09
N LYS C 10 3.34 -30.27 -0.98
CA LYS C 10 4.02 -31.57 -0.78
C LYS C 10 4.80 -31.64 0.53
N ARG C 11 5.60 -30.60 0.81
CA ARG C 11 6.45 -30.52 2.00
C ARG C 11 5.65 -30.29 3.29
N LEU C 12 4.62 -29.45 3.19
CA LEU C 12 3.71 -29.19 4.31
C LEU C 12 2.88 -30.42 4.70
N GLU C 13 2.69 -31.35 3.75
CA GLU C 13 2.13 -32.67 4.05
C GLU C 13 3.23 -33.62 4.53
N ALA C 14 4.35 -33.67 3.79
CA ALA C 14 5.54 -34.46 4.14
C ALA C 14 5.97 -34.18 5.56
N PHE C 15 5.97 -32.90 5.92
CA PHE C 15 6.33 -32.51 7.26
C PHE C 15 5.32 -33.07 8.25
N LEU C 16 4.03 -32.75 8.05
CA LEU C 16 2.94 -33.20 8.92
C LEU C 16 2.95 -34.71 9.16
N THR C 17 3.25 -35.48 8.12
CA THR C 17 3.39 -36.93 8.28
C THR C 17 4.64 -37.27 9.06
N GLN C 18 5.76 -36.68 8.64
CA GLN C 18 7.03 -36.84 9.33
C GLN C 18 6.96 -36.26 10.74
N LYS C 19 5.82 -35.68 11.11
CA LYS C 19 5.64 -35.05 12.42
C LYS C 19 5.02 -36.01 13.44
N GLN C 20 3.80 -36.47 13.18
CA GLN C 20 3.04 -37.32 14.13
C GLN C 20 3.71 -38.68 14.38
N LYS C 21 4.55 -39.07 13.43
CA LYS C 21 5.32 -40.31 13.51
C LYS C 21 6.64 -40.10 14.27
N VAL C 22 6.60 -39.18 15.23
CA VAL C 22 7.66 -39.00 16.22
C VAL C 22 7.06 -38.97 17.63
N GLY C 23 5.76 -38.65 17.69
CA GLY C 23 4.96 -38.61 18.93
C GLY C 23 5.50 -37.69 20.02
N GLU C 24 5.13 -38.00 21.27
CA GLU C 24 5.60 -37.26 22.47
C GLU C 24 7.13 -37.21 22.55
N LEU C 25 7.66 -36.20 23.22
CA LEU C 25 9.10 -36.12 23.42
C LEU C 25 9.56 -35.96 24.85
N LYS C 26 10.55 -36.76 25.22
CA LYS C 26 11.20 -36.74 26.54
C LYS C 26 12.60 -36.13 26.46
N ASP C 27 13.05 -35.56 27.59
CA ASP C 27 14.44 -35.13 27.77
C ASP C 27 15.39 -36.29 27.39
N ASP C 28 15.00 -37.51 27.73
CA ASP C 28 15.79 -38.70 27.40
C ASP C 28 15.38 -39.33 26.06
N ASP C 29 14.74 -38.55 25.20
CA ASP C 29 14.58 -38.93 23.79
C ASP C 29 15.67 -38.32 22.90
N PHE C 30 16.52 -37.44 23.47
CA PHE C 30 17.48 -36.55 22.73
C PHE C 30 18.96 -36.65 23.06
N GLU C 31 19.76 -36.84 22.01
CA GLU C 31 21.24 -36.78 22.06
C GLU C 31 21.71 -35.49 21.34
N LYS C 32 22.49 -34.64 22.05
CA LYS C 32 23.04 -33.40 21.47
C LYS C 32 24.09 -33.71 20.40
N ILE C 33 23.92 -33.14 19.21
CA ILE C 33 24.94 -33.23 18.18
C ILE C 33 25.97 -32.07 18.34
N SER C 34 25.58 -30.85 17.98
CA SER C 34 26.45 -29.66 18.00
C SER C 34 25.65 -28.41 18.44
N GLU C 35 26.35 -27.30 18.68
CA GLU C 35 25.73 -25.98 18.87
C GLU C 35 25.30 -25.47 17.51
N LEU C 36 24.17 -24.76 17.46
CA LEU C 36 23.68 -24.16 16.22
C LEU C 36 23.73 -22.63 16.29
N GLY C 37 24.07 -22.11 17.46
CA GLY C 37 24.13 -20.69 17.78
C GLY C 37 23.54 -20.44 19.17
N ALA C 38 23.81 -19.26 19.75
CA ALA C 38 23.28 -18.88 21.06
C ALA C 38 22.47 -17.57 21.05
N GLY C 39 21.24 -17.64 21.58
CA GLY C 39 20.44 -16.45 21.89
C GLY C 39 20.70 -15.82 23.26
N ASN C 40 19.63 -15.40 23.93
CA ASN C 40 19.69 -14.81 25.27
C ASN C 40 19.10 -15.77 26.31
N GLY C 41 19.99 -16.35 27.13
CA GLY C 41 19.63 -17.42 28.08
C GLY C 41 19.36 -18.80 27.48
N GLY C 42 19.60 -18.94 26.17
CA GLY C 42 19.35 -20.19 25.45
C GLY C 42 20.16 -20.45 24.18
N VAL C 43 21.15 -21.37 24.27
CA VAL C 43 21.78 -21.98 23.08
C VAL C 43 20.74 -22.94 22.47
N VAL C 44 20.79 -23.09 21.14
CA VAL C 44 19.92 -23.99 20.36
C VAL C 44 20.91 -25.09 19.98
N PHE C 45 20.47 -26.34 20.04
CA PHE C 45 21.33 -27.42 19.59
C PHE C 45 20.80 -28.09 18.34
N LYS C 46 21.72 -28.59 17.52
CA LYS C 46 21.37 -29.66 16.60
C LYS C 46 21.28 -30.94 17.48
N VAL C 47 20.12 -31.58 17.45
CA VAL C 47 19.89 -32.82 18.18
C VAL C 47 19.36 -33.92 17.25
N SER C 48 19.78 -35.16 17.58
CA SER C 48 19.08 -36.38 17.14
C SER C 48 17.99 -36.76 18.15
N HIS C 49 16.76 -36.88 17.64
CA HIS C 49 15.67 -37.49 18.39
C HIS C 49 15.83 -38.99 18.23
N LYS C 50 16.40 -39.60 19.28
CA LYS C 50 16.74 -41.04 19.28
C LYS C 50 15.68 -42.02 18.66
N PRO C 51 14.37 -41.91 19.04
CA PRO C 51 13.34 -42.77 18.41
C PRO C 51 13.17 -42.66 16.88
N SER C 52 12.89 -41.46 16.37
CA SER C 52 12.73 -41.28 14.92
C SER C 52 14.09 -41.30 14.18
N GLY C 53 15.17 -41.07 14.94
CA GLY C 53 16.52 -40.96 14.41
C GLY C 53 16.79 -39.62 13.77
N LEU C 54 15.73 -39.00 13.24
CA LEU C 54 15.82 -37.75 12.45
C LEU C 54 16.22 -36.50 13.24
N VAL C 55 16.50 -35.40 12.52
CA VAL C 55 17.28 -34.32 13.12
C VAL C 55 16.57 -32.96 13.32
N MET C 56 16.85 -32.39 14.49
CA MET C 56 16.06 -31.30 15.05
C MET C 56 16.90 -30.17 15.64
N ALA C 57 16.34 -28.97 15.58
CA ALA C 57 16.84 -27.84 16.37
C ALA C 57 16.04 -27.79 17.67
N ARG C 58 16.75 -27.65 18.78
CA ARG C 58 16.09 -27.69 20.07
C ARG C 58 16.45 -26.47 20.88
N LYS C 59 15.49 -25.56 21.01
CA LYS C 59 15.74 -24.34 21.77
C LYS C 59 15.40 -24.62 23.19
N LEU C 60 16.31 -24.23 24.08
CA LEU C 60 16.17 -24.48 25.50
C LEU C 60 16.01 -23.14 26.20
N ILE C 61 14.85 -22.96 26.83
CA ILE C 61 14.49 -21.69 27.50
C ILE C 61 14.61 -21.77 29.04
N HIS C 62 15.74 -21.26 29.58
CA HIS C 62 16.09 -21.33 31.02
C HIS C 62 15.01 -20.73 31.94
N ALA C 68 4.75 -22.74 38.17
CA ALA C 68 3.37 -23.10 37.87
C ALA C 68 2.73 -22.24 36.75
N ILE C 69 3.13 -20.97 36.64
CA ILE C 69 2.77 -20.10 35.50
C ILE C 69 3.44 -20.57 34.20
N ARG C 70 4.56 -21.30 34.39
CA ARG C 70 5.29 -22.04 33.36
C ARG C 70 4.40 -23.08 32.64
N ASN C 71 3.40 -23.62 33.34
CA ASN C 71 2.41 -24.54 32.76
C ASN C 71 1.44 -23.83 31.80
N GLN C 72 0.95 -22.65 32.20
CA GLN C 72 0.13 -21.79 31.34
C GLN C 72 0.95 -21.35 30.13
N ILE C 73 2.19 -20.93 30.39
CA ILE C 73 3.19 -20.60 29.35
C ILE C 73 3.39 -21.74 28.34
N ILE C 74 3.73 -22.94 28.84
CA ILE C 74 3.86 -24.16 28.02
C ILE C 74 2.57 -24.51 27.27
N ARG C 75 1.43 -24.34 27.96
CA ARG C 75 0.10 -24.56 27.39
C ARG C 75 -0.23 -23.54 26.31
N GLU C 76 0.28 -22.31 26.47
CA GLU C 76 0.10 -21.23 25.49
C GLU C 76 0.76 -21.55 24.15
N LEU C 77 1.99 -22.11 24.21
CA LEU C 77 2.83 -22.40 23.02
C LEU C 77 2.18 -23.35 22.04
N GLN C 78 1.42 -24.31 22.57
CA GLN C 78 0.76 -25.34 21.77
C GLN C 78 0.21 -24.85 20.42
N VAL C 79 -0.37 -23.64 20.39
CA VAL C 79 -0.97 -23.01 19.18
C VAL C 79 -0.10 -23.16 17.93
N LEU C 80 1.21 -23.26 18.17
CA LEU C 80 2.25 -23.57 17.17
C LEU C 80 1.91 -24.72 16.22
N HIS C 81 1.35 -25.80 16.79
CA HIS C 81 0.89 -26.96 16.01
C HIS C 81 -0.05 -26.56 14.86
N GLU C 82 -0.92 -25.56 15.11
CA GLU C 82 -1.89 -25.09 14.11
C GLU C 82 -1.26 -24.20 13.05
N CYS C 83 -0.02 -23.74 13.29
CA CYS C 83 0.72 -22.90 12.32
C CYS C 83 1.61 -23.77 11.50
N ASN C 84 1.41 -23.69 10.18
CA ASN C 84 2.31 -24.32 9.20
C ASN C 84 2.19 -23.65 7.85
N SER C 85 3.20 -22.86 7.56
CA SER C 85 3.33 -22.20 6.27
C SER C 85 4.65 -22.66 5.66
N PRO C 86 4.88 -22.42 4.36
CA PRO C 86 6.27 -22.62 3.96
C PRO C 86 7.18 -21.55 4.56
N TYR C 87 6.57 -20.49 5.07
CA TYR C 87 7.23 -19.29 5.54
C TYR C 87 7.38 -19.29 7.04
N ILE C 88 7.09 -20.40 7.69
CA ILE C 88 7.27 -20.51 9.16
C ILE C 88 8.12 -21.75 9.50
N VAL C 89 9.13 -21.59 10.35
CA VAL C 89 9.93 -22.73 10.84
C VAL C 89 9.00 -23.83 11.34
N GLY C 90 9.07 -24.99 10.68
CA GLY C 90 8.26 -26.18 11.00
C GLY C 90 8.33 -26.54 12.48
N PHE C 91 7.17 -26.85 13.06
CA PHE C 91 7.12 -27.22 14.47
C PHE C 91 7.15 -28.73 14.70
N TYR C 92 7.85 -29.17 15.74
CA TYR C 92 7.66 -30.53 16.25
C TYR C 92 6.81 -30.54 17.49
N GLY C 93 7.38 -30.02 18.59
CA GLY C 93 6.72 -30.01 19.89
C GLY C 93 7.42 -29.18 20.94
N ALA C 94 6.82 -29.07 22.11
CA ALA C 94 7.43 -28.38 23.23
C ALA C 94 7.06 -29.07 24.57
N PHE C 95 7.94 -28.98 25.56
CA PHE C 95 7.72 -29.58 26.91
C PHE C 95 8.42 -28.90 28.10
N TYR C 96 7.98 -29.21 29.32
CA TYR C 96 8.71 -28.90 30.57
C TYR C 96 9.73 -30.03 30.90
N SER C 97 10.85 -29.65 31.50
CA SER C 97 11.90 -30.56 32.00
C SER C 97 12.98 -29.75 32.71
N ASP C 98 14.05 -30.42 33.18
CA ASP C 98 15.30 -29.78 33.64
C ASP C 98 15.04 -28.57 34.56
N GLY C 99 15.63 -27.42 34.23
CA GLY C 99 15.23 -26.10 34.74
C GLY C 99 14.76 -25.12 33.66
N GLU C 100 14.31 -25.68 32.54
CA GLU C 100 14.08 -24.96 31.30
C GLU C 100 12.97 -25.63 30.47
N ILE C 101 12.39 -24.90 29.51
CA ILE C 101 11.40 -25.48 28.56
C ILE C 101 11.98 -25.60 27.15
N SER C 102 11.37 -26.45 26.32
CA SER C 102 12.06 -26.91 25.13
C SER C 102 11.28 -26.78 23.83
N ILE C 103 11.59 -25.72 23.08
CA ILE C 103 11.01 -25.58 21.75
C ILE C 103 11.81 -26.46 20.80
N CYS C 104 11.08 -27.24 20.01
CA CYS C 104 11.66 -28.27 19.16
C CYS C 104 11.13 -28.16 17.74
N MET C 105 12.06 -27.94 16.84
CA MET C 105 11.73 -27.48 15.49
C MET C 105 12.71 -27.98 14.46
N GLU C 106 12.19 -28.01 13.24
CA GLU C 106 12.89 -28.33 12.03
C GLU C 106 14.30 -27.75 11.98
N HIS C 107 15.27 -28.54 11.54
CA HIS C 107 16.62 -28.04 11.29
C HIS C 107 16.69 -27.27 9.97
N MET C 108 17.31 -26.10 10.06
CA MET C 108 17.52 -25.21 8.95
C MET C 108 19.06 -25.15 8.79
N ASP C 109 19.56 -25.72 7.70
CA ASP C 109 21.00 -25.88 7.50
C ASP C 109 21.66 -24.54 7.17
N GLY C 110 20.86 -23.62 6.63
CA GLY C 110 21.25 -22.22 6.43
C GLY C 110 21.60 -21.43 7.68
N GLY C 111 21.08 -21.83 8.84
CA GLY C 111 21.08 -20.98 10.06
C GLY C 111 20.28 -19.71 9.80
N SER C 112 20.51 -18.69 10.61
CA SER C 112 19.83 -17.40 10.37
C SER C 112 20.55 -16.53 9.36
N LEU C 113 19.80 -15.61 8.75
CA LEU C 113 20.43 -14.56 7.97
C LEU C 113 21.47 -13.80 8.77
N ASP C 114 21.29 -13.73 10.08
CA ASP C 114 22.29 -13.14 10.97
C ASP C 114 23.62 -13.86 10.86
N GLN C 115 23.58 -15.19 10.88
CA GLN C 115 24.75 -16.04 10.70
C GLN C 115 25.28 -15.97 9.29
N VAL C 116 24.38 -15.97 8.32
CA VAL C 116 24.74 -15.77 6.92
C VAL C 116 25.42 -14.41 6.73
N LEU C 117 24.89 -13.36 7.34
CA LEU C 117 25.45 -12.00 7.19
C LEU C 117 26.90 -11.93 7.60
N LYS C 118 27.23 -12.52 8.75
CA LYS C 118 28.62 -12.63 9.23
C LYS C 118 29.63 -13.28 8.22
N LYS C 119 29.13 -14.02 7.21
CA LYS C 119 29.97 -14.69 6.21
C LYS C 119 29.97 -14.04 4.83
N ALA C 120 28.88 -13.38 4.51
CA ALA C 120 28.80 -12.68 3.26
C ALA C 120 29.31 -11.24 3.36
N GLY C 121 29.45 -10.70 4.57
CA GLY C 121 29.63 -9.25 4.72
C GLY C 121 28.38 -8.44 4.31
N ARG C 122 27.86 -8.70 3.13
CA ARG C 122 26.66 -8.06 2.62
C ARG C 122 25.79 -9.10 1.93
N ILE C 123 24.49 -8.83 1.96
CA ILE C 123 23.50 -9.60 1.19
C ILE C 123 23.03 -8.65 0.10
N PRO C 124 23.16 -9.05 -1.19
CA PRO C 124 22.88 -8.04 -2.21
C PRO C 124 21.35 -7.89 -2.46
N GLU C 125 20.93 -6.87 -3.24
CA GLU C 125 19.49 -6.60 -3.46
C GLU C 125 18.61 -7.80 -3.79
N GLN C 126 18.98 -8.48 -4.87
CA GLN C 126 18.10 -9.51 -5.39
C GLN C 126 17.78 -10.51 -4.30
N ILE C 127 18.77 -10.88 -3.51
CA ILE C 127 18.57 -11.80 -2.37
C ILE C 127 17.64 -11.19 -1.32
N LEU C 128 17.89 -9.92 -0.98
CA LEU C 128 17.06 -9.18 -0.02
C LEU C 128 15.60 -9.08 -0.41
N GLY C 129 15.32 -8.81 -1.69
CA GLY C 129 13.97 -8.94 -2.25
C GLY C 129 13.29 -10.27 -1.98
N LYS C 130 13.98 -11.38 -2.22
CA LYS C 130 13.40 -12.69 -1.98
C LYS C 130 13.09 -12.83 -0.50
N VAL C 131 14.08 -12.51 0.35
CA VAL C 131 13.86 -12.37 1.80
C VAL C 131 12.65 -11.49 2.13
N SER C 132 12.59 -10.29 1.55
CA SER C 132 11.46 -9.37 1.77
C SER C 132 10.12 -10.06 1.56
N ILE C 133 9.96 -10.70 0.41
CA ILE C 133 8.73 -11.41 0.12
C ILE C 133 8.42 -12.48 1.16
N ALA C 134 9.33 -13.40 1.41
CA ALA C 134 9.04 -14.51 2.33
C ALA C 134 8.67 -14.05 3.77
N VAL C 135 9.14 -12.86 4.15
CA VAL C 135 8.83 -12.30 5.47
C VAL C 135 7.44 -11.68 5.43
N ILE C 136 7.17 -10.86 4.41
CA ILE C 136 5.80 -10.39 4.23
C ILE C 136 4.81 -11.61 4.25
N LYS C 137 5.10 -12.67 3.49
CA LYS C 137 4.27 -13.88 3.50
C LYS C 137 4.15 -14.42 4.91
N GLY C 138 5.29 -14.55 5.59
CA GLY C 138 5.28 -15.01 6.97
C GLY C 138 4.36 -14.17 7.84
N LEU C 139 4.55 -12.85 7.75
CA LEU C 139 3.86 -11.91 8.62
C LEU C 139 2.36 -11.95 8.37
N THR C 140 1.97 -11.95 7.09
CA THR C 140 0.59 -12.14 6.64
C THR C 140 0.01 -13.40 7.25
N TYR C 141 0.53 -14.57 6.85
CA TYR C 141 0.02 -15.84 7.34
C TYR C 141 -0.25 -15.79 8.84
N LEU C 142 0.64 -15.16 9.59
CA LEU C 142 0.46 -15.11 11.03
C LEU C 142 -0.76 -14.27 11.42
N ARG C 143 -0.92 -13.11 10.80
CA ARG C 143 -2.06 -12.25 11.08
C ARG C 143 -3.34 -12.85 10.47
N GLU C 144 -3.48 -12.74 9.14
CA GLU C 144 -4.67 -13.16 8.38
C GLU C 144 -5.18 -14.55 8.70
N LYS C 145 -4.33 -15.45 9.22
CA LYS C 145 -4.74 -16.85 9.47
C LYS C 145 -4.55 -17.38 10.90
N HIS C 146 -4.08 -16.55 11.85
CA HIS C 146 -3.99 -16.91 13.30
C HIS C 146 -4.04 -15.69 14.25
N LYS C 147 -4.35 -14.51 13.69
CA LYS C 147 -4.41 -13.22 14.42
C LYS C 147 -3.21 -12.98 15.35
N ILE C 148 -2.10 -13.65 15.02
CA ILE C 148 -0.79 -13.48 15.66
C ILE C 148 0.00 -12.44 14.88
N MET C 149 0.47 -11.39 15.54
CA MET C 149 1.51 -10.57 14.91
C MET C 149 2.86 -11.05 15.51
N HIS C 150 3.97 -10.94 14.76
CA HIS C 150 5.27 -11.59 15.13
C HIS C 150 6.05 -11.10 16.37
N ARG C 151 6.19 -9.79 16.52
CA ARG C 151 6.85 -9.18 17.71
C ARG C 151 8.38 -9.37 17.81
N ASP C 152 8.95 -10.29 17.02
CA ASP C 152 10.38 -10.56 17.15
C ASP C 152 11.17 -10.72 15.83
N VAL C 153 10.81 -9.96 14.81
CA VAL C 153 11.49 -9.93 13.52
C VAL C 153 12.87 -9.24 13.60
N LYS C 154 13.91 -9.91 13.09
CA LYS C 154 15.32 -9.47 13.08
C LYS C 154 16.05 -10.58 12.37
N PRO C 155 17.29 -10.33 11.86
CA PRO C 155 17.91 -11.37 11.02
C PRO C 155 18.08 -12.73 11.71
N SER C 156 18.24 -12.74 13.04
CA SER C 156 18.42 -13.98 13.77
C SER C 156 17.21 -14.92 13.80
N ASN C 157 16.07 -14.41 13.38
CA ASN C 157 14.81 -15.15 13.33
C ASN C 157 14.28 -15.21 11.93
N ILE C 158 15.12 -14.89 10.97
CA ILE C 158 14.89 -15.36 9.61
C ILE C 158 15.86 -16.55 9.39
N LEU C 159 15.30 -17.74 9.24
CA LEU C 159 16.01 -18.98 9.01
C LEU C 159 15.99 -19.33 7.52
N VAL C 160 17.11 -19.83 7.01
CA VAL C 160 17.16 -20.27 5.59
C VAL C 160 17.67 -21.70 5.47
N ASN C 161 17.58 -22.31 4.29
CA ASN C 161 18.09 -23.68 4.13
C ASN C 161 18.52 -23.98 2.71
N SER C 162 19.29 -25.07 2.59
CA SER C 162 19.82 -25.64 1.32
C SER C 162 18.87 -25.67 0.18
N ARG C 163 17.60 -26.03 0.47
CA ARG C 163 16.52 -26.03 -0.52
C ARG C 163 15.99 -24.65 -0.95
N GLY C 164 16.49 -23.56 -0.36
CA GLY C 164 16.11 -22.17 -0.76
C GLY C 164 14.95 -21.61 0.07
N GLU C 165 14.67 -22.24 1.21
CA GLU C 165 13.54 -21.89 2.08
C GLU C 165 13.87 -20.79 3.11
N ILE C 166 12.98 -19.80 3.17
CA ILE C 166 13.13 -18.64 4.05
C ILE C 166 11.89 -18.61 4.96
N LYS C 167 12.15 -18.76 6.25
CA LYS C 167 11.12 -19.04 7.25
C LYS C 167 11.31 -18.22 8.49
N LEU C 168 10.20 -17.67 9.01
CA LEU C 168 10.19 -16.93 10.28
C LEU C 168 10.22 -17.88 11.46
N CYS C 169 10.67 -17.37 12.61
CA CYS C 169 10.73 -18.16 13.80
C CYS C 169 10.77 -17.28 15.06
N ASP C 170 10.62 -17.86 16.24
CA ASP C 170 10.65 -17.12 17.52
C ASP C 170 9.58 -16.02 17.74
N PHE C 171 8.43 -16.19 17.10
CA PHE C 171 7.24 -15.41 17.41
C PHE C 171 6.57 -15.99 18.67
N GLY C 172 6.77 -15.32 19.82
CA GLY C 172 6.48 -15.86 21.16
C GLY C 172 5.03 -16.16 21.53
N SER C 190 -1.83 3.04 40.74
CA SER C 190 -0.95 3.25 39.58
C SER C 190 -0.85 4.72 39.23
N TYR C 191 0.39 5.15 39.02
CA TYR C 191 0.67 6.54 38.71
C TYR C 191 0.97 6.63 37.25
N MET C 192 0.49 5.65 36.50
CA MET C 192 0.69 5.61 35.06
C MET C 192 -0.36 6.44 34.29
N SER C 193 0.12 7.24 33.33
CA SER C 193 -0.71 8.07 32.45
C SER C 193 -1.73 7.31 31.59
N PRO C 194 -2.84 8.01 31.21
CA PRO C 194 -3.89 7.47 30.32
C PRO C 194 -3.32 6.81 29.08
N GLU C 195 -2.34 7.46 28.44
CA GLU C 195 -1.84 7.03 27.15
C GLU C 195 -1.30 5.61 27.11
N ARG C 196 -0.91 5.09 28.28
CA ARG C 196 -0.69 3.66 28.45
C ARG C 196 -2.03 2.91 28.20
N LEU C 197 -2.38 2.70 26.92
CA LEU C 197 -3.73 2.19 26.40
C LEU C 197 -4.48 3.24 25.54
N TYR C 202 3.30 -1.84 18.68
CA TYR C 202 2.35 -1.21 17.75
C TYR C 202 1.76 -2.11 16.63
N SER C 203 1.35 -3.32 17.00
CA SER C 203 0.76 -4.28 16.06
C SER C 203 1.67 -4.58 14.83
N VAL C 204 1.07 -4.66 13.62
CA VAL C 204 1.81 -5.14 12.42
C VAL C 204 2.80 -4.06 11.95
N GLN C 205 2.53 -2.81 12.30
CA GLN C 205 3.41 -1.70 11.94
C GLN C 205 4.76 -1.84 12.60
N SER C 206 4.75 -2.39 13.80
CA SER C 206 5.96 -2.56 14.57
C SER C 206 6.93 -3.62 13.96
N ASP C 207 6.37 -4.72 13.42
CA ASP C 207 7.11 -5.69 12.68
C ASP C 207 7.65 -5.05 11.37
N ILE C 208 6.83 -4.26 10.64
CA ILE C 208 7.30 -3.53 9.43
C ILE C 208 8.58 -2.70 9.71
N TRP C 209 8.62 -1.99 10.82
CA TRP C 209 9.85 -1.28 11.17
C TRP C 209 11.02 -2.29 11.27
N SER C 210 10.75 -3.39 11.99
CA SER C 210 11.74 -4.42 12.24
C SER C 210 12.37 -4.99 10.97
N MET C 211 11.52 -5.41 10.05
CA MET C 211 11.93 -5.88 8.74
C MET C 211 12.74 -4.77 8.05
N GLY C 212 12.20 -3.57 8.08
CA GLY C 212 12.86 -2.48 7.44
C GLY C 212 14.27 -2.36 7.94
N LEU C 213 14.43 -2.44 9.26
CA LEU C 213 15.73 -2.11 9.85
C LEU C 213 16.64 -3.28 9.58
N SER C 214 16.08 -4.48 9.62
CA SER C 214 16.78 -5.68 9.26
C SER C 214 17.34 -5.63 7.84
N LEU C 215 16.50 -5.25 6.88
CA LEU C 215 16.95 -5.12 5.49
C LEU C 215 18.12 -4.11 5.36
N VAL C 216 18.09 -3.04 6.17
CA VAL C 216 19.17 -2.03 6.05
C VAL C 216 20.43 -2.71 6.56
N GLU C 217 20.35 -3.34 7.72
CA GLU C 217 21.49 -4.02 8.32
C GLU C 217 22.10 -5.03 7.34
N MET C 218 21.27 -5.88 6.74
CA MET C 218 21.77 -6.92 5.87
C MET C 218 22.37 -6.38 4.56
N ALA C 219 21.79 -5.31 4.02
CA ALA C 219 22.30 -4.66 2.84
C ALA C 219 23.62 -3.91 3.03
N VAL C 220 23.81 -3.19 4.14
CA VAL C 220 25.10 -2.49 4.34
C VAL C 220 26.15 -3.28 5.10
N GLY C 221 25.74 -4.35 5.75
CA GLY C 221 26.65 -5.17 6.54
C GLY C 221 26.95 -4.55 7.86
N ARG C 222 26.07 -3.69 8.34
CA ARG C 222 26.35 -3.00 9.60
C ARG C 222 25.00 -2.71 10.21
N TYR C 223 24.87 -2.93 11.53
CA TYR C 223 23.70 -2.46 12.25
C TYR C 223 23.70 -0.95 12.13
N PRO C 224 22.63 -0.39 11.53
CA PRO C 224 22.60 1.00 11.09
C PRO C 224 22.38 2.08 12.16
N ILE C 225 22.22 1.73 13.43
CA ILE C 225 22.04 2.74 14.50
C ILE C 225 23.19 2.73 15.47
N PRO C 226 23.83 3.87 15.72
CA PRO C 226 23.71 5.15 14.97
C PRO C 226 24.22 5.02 13.52
N PRO C 227 23.97 6.02 12.64
CA PRO C 227 24.42 5.84 11.25
C PRO C 227 25.92 6.03 11.13
N PRO C 228 26.52 5.55 10.02
CA PRO C 228 27.97 5.68 9.85
C PRO C 228 28.41 7.14 9.56
N ASP C 229 29.57 7.53 10.12
CA ASP C 229 30.25 8.82 9.85
C ASP C 229 30.42 9.10 8.34
N ALA C 230 30.55 10.39 7.97
CA ALA C 230 30.65 10.82 6.55
C ALA C 230 31.66 10.01 5.70
N LYS C 231 32.84 9.76 6.29
CA LYS C 231 33.91 8.97 5.67
C LYS C 231 33.71 7.45 5.76
N GLU C 232 33.41 6.94 6.96
CA GLU C 232 33.24 5.49 7.24
C GLU C 232 32.25 4.75 6.35
N LEU C 233 31.31 5.49 5.75
CA LEU C 233 30.28 4.99 4.82
C LEU C 233 30.78 4.78 3.39
N GLU C 234 31.60 5.71 2.90
CA GLU C 234 32.17 5.55 1.56
C GLU C 234 33.45 4.71 1.58
N LEU C 235 34.03 4.54 2.77
CA LEU C 235 35.12 3.58 3.05
C LEU C 235 34.73 2.13 2.71
N MET C 236 33.43 1.86 2.73
CA MET C 236 32.85 0.57 2.34
C MET C 236 32.31 0.48 0.90
N PHE C 237 32.06 1.63 0.25
CA PHE C 237 31.34 1.65 -1.06
C PHE C 237 32.03 2.18 -2.35
N GLY C 238 32.19 3.50 -2.51
CA GLY C 238 32.85 4.04 -3.73
C GLY C 238 32.63 5.48 -4.19
N CYS C 239 31.49 5.73 -4.85
CA CYS C 239 31.19 7.03 -5.47
N PRO C 269 30.74 3.82 21.00
CA PRO C 269 30.67 2.94 22.18
C PRO C 269 29.39 3.14 23.04
N MET C 270 28.28 2.52 22.62
CA MET C 270 26.92 2.80 23.14
C MET C 270 26.31 1.70 24.00
N ALA C 271 25.67 2.09 25.10
CA ALA C 271 24.88 1.13 25.88
C ALA C 271 23.45 0.89 25.32
N ILE C 272 22.83 -0.20 25.75
CA ILE C 272 21.45 -0.49 25.34
C ILE C 272 20.47 0.64 25.69
N PHE C 273 20.58 1.23 26.88
CA PHE C 273 19.65 2.33 27.24
C PHE C 273 19.82 3.54 26.29
N GLU C 274 21.08 3.90 25.97
CA GLU C 274 21.42 4.95 24.96
C GLU C 274 20.91 4.62 23.53
N LEU C 275 21.01 3.35 23.16
CA LEU C 275 20.58 2.94 21.86
C LEU C 275 19.10 3.19 21.76
N LEU C 276 18.36 2.74 22.78
CA LEU C 276 16.89 2.72 22.74
C LEU C 276 16.36 4.12 22.64
N ASP C 277 17.01 5.01 23.39
CA ASP C 277 16.71 6.42 23.37
C ASP C 277 16.88 6.96 21.96
N TYR C 278 18.01 6.62 21.34
CA TYR C 278 18.38 7.17 20.06
C TYR C 278 17.28 6.79 19.09
N ILE C 279 16.90 5.51 19.11
CA ILE C 279 15.84 5.03 18.25
C ILE C 279 14.53 5.83 18.44
N VAL C 280 14.24 6.28 19.67
CA VAL C 280 13.00 7.01 19.88
C VAL C 280 13.07 8.44 19.35
N ASN C 281 14.13 9.15 19.73
CA ASN C 281 14.30 10.58 19.49
C ASN C 281 14.84 11.06 18.14
N GLU C 282 15.64 10.22 17.48
CA GLU C 282 16.46 10.62 16.34
C GLU C 282 15.89 10.09 15.07
N PRO C 283 16.37 10.59 13.90
CA PRO C 283 15.71 10.15 12.66
C PRO C 283 16.02 8.68 12.33
N PRO C 284 15.20 7.99 11.50
CA PRO C 284 15.56 6.62 11.12
C PRO C 284 16.79 6.53 10.22
N PRO C 285 17.39 5.33 10.13
CA PRO C 285 18.42 5.11 9.14
C PRO C 285 17.80 4.99 7.77
N LYS C 286 18.62 5.07 6.73
CA LYS C 286 18.22 4.81 5.33
C LYS C 286 19.39 4.07 4.69
N LEU C 287 19.16 3.44 3.53
CA LEU C 287 20.21 2.93 2.67
C LEU C 287 21.04 4.06 2.10
N PRO C 288 22.35 3.82 1.86
CA PRO C 288 23.10 4.86 1.15
C PRO C 288 22.61 4.86 -0.29
N SER C 289 22.78 5.99 -0.98
CA SER C 289 22.32 6.13 -2.37
C SER C 289 23.42 5.73 -3.35
N GLY C 290 23.07 5.61 -4.62
CA GLY C 290 24.05 5.23 -5.63
C GLY C 290 24.01 3.74 -5.83
N VAL C 291 24.29 3.03 -4.75
CA VAL C 291 24.57 1.58 -4.75
C VAL C 291 23.32 0.66 -4.66
N PHE C 292 22.14 1.23 -4.34
CA PHE C 292 20.87 0.48 -4.41
C PHE C 292 19.79 1.14 -5.29
N SER C 293 19.00 0.33 -5.96
CA SER C 293 17.85 0.83 -6.69
C SER C 293 16.97 1.70 -5.83
N LEU C 294 16.51 2.80 -6.40
CA LEU C 294 15.57 3.72 -5.71
C LEU C 294 14.33 2.97 -5.23
N GLU C 295 13.87 1.98 -5.99
CA GLU C 295 12.76 1.21 -5.54
C GLU C 295 13.08 0.56 -4.19
N PHE C 296 14.26 -0.05 -4.07
CA PHE C 296 14.67 -0.62 -2.79
C PHE C 296 14.81 0.47 -1.69
N GLN C 297 15.49 1.58 -2.01
CA GLN C 297 15.58 2.73 -1.10
C GLN C 297 14.21 3.22 -0.59
N ASP C 298 13.29 3.42 -1.53
CA ASP C 298 11.91 3.77 -1.21
C ASP C 298 11.35 2.79 -0.19
N PHE C 299 11.22 1.53 -0.61
CA PHE C 299 10.66 0.46 0.20
C PHE C 299 11.19 0.43 1.63
N VAL C 300 12.50 0.55 1.81
CA VAL C 300 12.96 0.55 3.18
C VAL C 300 12.54 1.83 3.88
N ASN C 301 12.52 2.95 3.16
CA ASN C 301 12.03 4.21 3.79
C ASN C 301 10.58 4.13 4.24
N LYS C 302 9.74 3.49 3.42
CA LYS C 302 8.31 3.33 3.74
C LYS C 302 8.21 2.50 4.96
N CYS C 303 9.16 1.57 5.09
CA CYS C 303 9.22 0.65 6.23
C CYS C 303 9.61 1.35 7.53
N LEU C 304 10.38 2.44 7.41
CA LEU C 304 11.08 3.09 8.54
C LEU C 304 10.61 4.54 8.87
N ILE C 305 9.49 4.97 8.30
CA ILE C 305 8.78 6.15 8.76
C ILE C 305 8.51 5.96 10.26
N LYS C 306 8.97 6.92 11.06
CA LYS C 306 8.87 6.79 12.52
C LYS C 306 7.43 6.76 13.00
N ASN C 307 6.51 7.40 12.26
CA ASN C 307 5.11 7.40 12.67
C ASN C 307 4.35 6.21 12.09
N PRO C 308 3.90 5.28 12.95
CA PRO C 308 3.23 4.04 12.53
C PRO C 308 2.12 4.30 11.51
N ALA C 309 1.51 5.49 11.60
CA ALA C 309 0.35 5.86 10.81
C ALA C 309 0.70 6.11 9.35
N GLU C 310 1.81 6.81 9.11
CA GLU C 310 2.36 6.98 7.75
C GLU C 310 3.16 5.75 7.22
N ARG C 311 3.73 4.96 8.13
CA ARG C 311 4.49 3.78 7.77
C ARG C 311 3.63 2.82 6.99
N ALA C 312 4.17 2.22 5.94
CA ALA C 312 3.38 1.38 5.03
C ALA C 312 2.91 0.14 5.74
N ASP C 313 1.86 -0.48 5.21
CA ASP C 313 1.21 -1.63 5.83
C ASP C 313 1.52 -2.85 4.96
N LEU C 314 1.42 -4.05 5.53
CA LEU C 314 1.73 -5.27 4.81
C LEU C 314 1.11 -5.33 3.44
N LYS C 315 -0.16 -4.96 3.33
CA LYS C 315 -0.86 -5.07 2.06
C LYS C 315 -0.40 -3.97 1.10
N GLN C 316 -0.05 -2.80 1.62
CA GLN C 316 0.58 -1.73 0.81
C GLN C 316 2.01 -2.06 0.43
N LEU C 317 2.63 -2.96 1.22
CA LEU C 317 3.98 -3.44 0.94
C LEU C 317 4.00 -4.55 -0.10
N MET C 318 3.09 -5.54 0.02
CA MET C 318 2.97 -6.67 -0.92
C MET C 318 2.75 -6.23 -2.39
N VAL C 319 2.85 -4.94 -2.69
CA VAL C 319 2.45 -4.40 -4.00
C VAL C 319 3.38 -3.25 -4.40
N HIS C 320 4.39 -3.01 -3.57
CA HIS C 320 5.31 -1.89 -3.76
C HIS C 320 6.19 -2.13 -5.02
N ALA C 321 6.64 -1.02 -5.63
CA ALA C 321 7.67 -1.01 -6.70
C ALA C 321 8.68 -2.16 -6.60
N PHE C 322 9.42 -2.18 -5.50
CA PHE C 322 10.49 -3.12 -5.22
C PHE C 322 10.02 -4.54 -5.10
N ILE C 323 8.86 -4.79 -4.52
CA ILE C 323 8.41 -6.20 -4.31
C ILE C 323 7.94 -6.89 -5.59
N LYS C 324 7.14 -6.18 -6.40
CA LYS C 324 6.57 -6.77 -7.62
C LYS C 324 7.69 -7.07 -8.63
N ARG C 325 8.61 -6.10 -8.76
CA ARG C 325 9.85 -6.28 -9.52
C ARG C 325 10.71 -7.46 -9.00
N SER C 326 11.02 -7.45 -7.71
CA SER C 326 11.68 -8.57 -7.07
C SER C 326 10.98 -9.92 -7.28
N ASP C 327 9.65 -9.92 -7.37
CA ASP C 327 8.90 -11.20 -7.54
C ASP C 327 9.01 -11.76 -8.98
N ALA C 328 9.21 -10.87 -9.96
CA ALA C 328 9.40 -11.30 -11.36
C ALA C 328 10.86 -11.60 -11.72
N GLU C 329 11.74 -11.73 -10.73
CA GLU C 329 13.16 -12.06 -10.96
C GLU C 329 13.42 -13.49 -10.50
N GLU C 330 13.99 -14.31 -11.40
CA GLU C 330 14.53 -15.62 -11.00
C GLU C 330 15.94 -15.38 -10.42
N VAL C 331 16.14 -15.85 -9.20
CA VAL C 331 17.34 -15.60 -8.46
C VAL C 331 17.62 -16.92 -7.77
N ASP C 332 18.84 -17.45 -7.92
CA ASP C 332 19.16 -18.75 -7.33
C ASP C 332 19.52 -18.53 -5.86
N PHE C 333 18.49 -18.56 -5.02
CA PHE C 333 18.71 -18.28 -3.63
C PHE C 333 19.37 -19.47 -2.94
N ALA C 334 18.97 -20.68 -3.35
CA ALA C 334 19.61 -21.91 -2.86
C ALA C 334 21.08 -21.96 -3.29
N GLY C 335 21.35 -21.40 -4.48
CA GLY C 335 22.70 -21.33 -5.04
C GLY C 335 23.57 -20.42 -4.22
N TRP C 336 23.17 -19.15 -4.20
CA TRP C 336 23.85 -18.09 -3.51
C TRP C 336 24.08 -18.47 -2.06
N LEU C 337 23.09 -19.09 -1.44
CA LEU C 337 23.21 -19.40 -0.04
C LEU C 337 24.29 -20.44 0.20
N CYS C 338 24.30 -21.46 -0.64
CA CYS C 338 25.26 -22.56 -0.54
C CYS C 338 26.67 -22.11 -0.86
N SER C 339 26.81 -21.25 -1.83
CA SER C 339 28.12 -20.74 -2.13
C SER C 339 28.66 -19.84 -1.00
N THR C 340 27.77 -19.10 -0.31
CA THR C 340 28.13 -18.15 0.75
C THR C 340 28.54 -18.93 1.98
N ILE C 341 27.72 -19.88 2.39
CA ILE C 341 27.94 -20.56 3.66
C ILE C 341 28.80 -21.82 3.52
N GLY C 342 28.91 -22.33 2.29
CA GLY C 342 29.81 -23.41 1.97
C GLY C 342 29.16 -24.77 1.94
N LEU C 343 28.19 -24.95 1.04
CA LEU C 343 27.43 -26.21 0.96
C LEU C 343 27.55 -26.96 -0.39
N ASN C 344 27.45 -28.31 -0.34
CA ASN C 344 27.62 -29.21 -1.49
N GLU D 1 15.95 29.42 36.18
CA GLU D 1 16.69 28.83 35.02
C GLU D 1 17.48 27.58 35.38
N LEU D 2 17.81 26.79 34.35
CA LEU D 2 18.47 25.49 34.45
C LEU D 2 20.00 25.55 34.65
N GLU D 3 20.44 26.45 35.54
CA GLU D 3 21.84 26.49 35.96
C GLU D 3 21.98 26.47 37.48
N LEU D 4 23.07 25.86 37.93
CA LEU D 4 23.33 25.57 39.35
C LEU D 4 23.81 26.81 40.13
N ASP D 5 23.93 26.66 41.45
CA ASP D 5 24.55 27.69 42.30
C ASP D 5 25.98 27.27 42.69
N GLU D 6 26.71 28.17 43.35
CA GLU D 6 28.04 27.89 43.86
C GLU D 6 28.05 26.67 44.79
N GLN D 7 27.18 26.68 45.80
CA GLN D 7 27.04 25.60 46.79
C GLN D 7 26.66 24.22 46.20
N GLN D 8 25.76 24.24 45.21
CA GLN D 8 25.28 23.01 44.59
C GLN D 8 26.40 22.12 44.03
N ARG D 9 27.40 22.72 43.39
CA ARG D 9 28.55 21.93 42.96
C ARG D 9 29.53 21.67 44.10
N LYS D 10 29.50 22.54 45.12
CA LYS D 10 30.32 22.33 46.35
C LYS D 10 29.90 21.06 47.09
N ARG D 11 28.61 20.73 47.00
CA ARG D 11 28.05 19.47 47.50
C ARG D 11 28.25 18.32 46.49
N LEU D 12 28.21 18.65 45.19
CA LEU D 12 28.46 17.65 44.16
C LEU D 12 29.91 17.14 44.16
N GLU D 13 30.87 18.06 44.21
CA GLU D 13 32.29 17.71 44.28
C GLU D 13 32.66 17.15 45.66
N ALA D 14 31.97 17.65 46.70
CA ALA D 14 32.07 17.13 48.07
C ALA D 14 31.56 15.69 48.16
N PHE D 15 30.66 15.33 47.25
CA PHE D 15 30.21 13.94 47.10
C PHE D 15 31.32 13.16 46.44
N LEU D 16 31.82 13.67 45.31
CA LEU D 16 32.91 13.05 44.53
C LEU D 16 34.26 12.99 45.27
N THR D 17 34.27 13.27 46.57
CA THR D 17 35.42 13.06 47.47
C THR D 17 35.16 11.92 48.47
N GLN D 18 33.93 11.84 48.97
CA GLN D 18 33.43 10.65 49.69
C GLN D 18 33.53 9.43 48.79
N LYS D 19 33.24 9.66 47.51
CA LYS D 19 33.01 8.64 46.50
C LYS D 19 34.23 7.75 46.25
N GLN D 20 35.28 8.31 45.64
CA GLN D 20 36.52 7.55 45.37
C GLN D 20 37.27 7.12 46.65
N LYS D 21 37.08 7.89 47.74
CA LYS D 21 37.56 7.53 49.08
C LYS D 21 36.75 6.36 49.69
N VAL D 22 36.32 5.43 48.82
CA VAL D 22 35.62 4.21 49.19
C VAL D 22 36.18 3.08 48.30
N GLY D 23 36.46 3.44 47.04
CA GLY D 23 36.95 2.55 45.99
C GLY D 23 36.11 1.33 45.69
N GLU D 24 36.76 0.17 45.69
CA GLU D 24 36.12 -1.11 45.37
C GLU D 24 35.13 -1.48 46.45
N LEU D 25 33.87 -1.53 46.06
CA LEU D 25 32.79 -1.99 46.94
C LEU D 25 32.85 -3.52 46.94
N LYS D 26 32.95 -4.11 48.13
CA LYS D 26 32.76 -5.56 48.27
C LYS D 26 31.71 -5.82 49.34
N ASP D 27 30.99 -6.94 49.20
CA ASP D 27 29.97 -7.33 50.16
C ASP D 27 30.49 -7.41 51.62
N ASP D 28 31.65 -8.06 51.81
CA ASP D 28 32.29 -8.28 53.13
C ASP D 28 32.52 -6.99 53.94
N ASP D 29 32.42 -5.85 53.26
CA ASP D 29 32.72 -4.55 53.85
C ASP D 29 31.48 -3.82 54.38
N PHE D 30 30.34 -4.52 54.44
CA PHE D 30 29.08 -3.89 54.82
C PHE D 30 28.48 -4.28 56.17
N GLU D 31 28.04 -3.26 56.92
CA GLU D 31 27.31 -3.46 58.17
C GLU D 31 25.86 -2.98 57.99
N LYS D 32 24.92 -3.91 58.14
CA LYS D 32 23.51 -3.63 58.01
C LYS D 32 23.04 -3.04 59.33
N ILE D 33 22.09 -2.10 59.24
CA ILE D 33 21.54 -1.38 60.40
C ILE D 33 20.02 -1.59 60.50
N SER D 34 19.28 -1.03 59.54
CA SER D 34 17.81 -1.07 59.50
C SER D 34 17.22 -1.13 58.06
N GLU D 35 15.94 -1.50 57.98
CA GLU D 35 15.18 -1.36 56.74
C GLU D 35 14.96 0.15 56.47
N LEU D 36 15.07 0.56 55.21
CA LEU D 36 14.74 1.92 54.82
C LEU D 36 13.38 1.93 54.10
N GLY D 37 13.25 1.08 53.09
CA GLY D 37 11.99 0.89 52.40
C GLY D 37 12.01 -0.34 51.52
N ALA D 38 10.83 -0.74 51.05
CA ALA D 38 10.70 -1.76 50.03
C ALA D 38 9.90 -1.26 48.80
N GLY D 39 10.64 -1.01 47.71
CA GLY D 39 10.05 -0.86 46.37
C GLY D 39 9.80 -2.22 45.74
N ASN D 40 9.30 -2.23 44.50
CA ASN D 40 9.14 -3.48 43.75
C ASN D 40 10.47 -4.22 43.51
N GLY D 41 10.55 -5.45 44.03
CA GLY D 41 11.77 -6.28 43.93
C GLY D 41 13.04 -5.62 44.47
N GLY D 42 12.91 -4.93 45.60
CA GLY D 42 14.02 -4.25 46.22
C GLY D 42 13.72 -3.81 47.63
N VAL D 43 14.46 -4.37 48.57
CA VAL D 43 14.51 -3.77 49.87
C VAL D 43 15.77 -2.91 49.88
N VAL D 44 15.62 -1.70 50.39
CA VAL D 44 16.75 -0.84 50.62
C VAL D 44 17.07 -0.93 52.10
N PHE D 45 18.36 -0.97 52.41
CA PHE D 45 18.85 -0.97 53.81
C PHE D 45 19.68 0.27 54.15
N LYS D 46 19.52 0.76 55.38
CA LYS D 46 20.51 1.67 55.96
C LYS D 46 21.73 0.79 56.37
N VAL D 47 22.90 1.16 55.84
CA VAL D 47 24.14 0.40 56.02
C VAL D 47 25.35 1.32 56.25
N SER D 48 26.40 0.73 56.81
CA SER D 48 27.68 1.41 57.01
C SER D 48 28.77 0.65 56.30
N HIS D 49 29.53 1.36 55.45
CA HIS D 49 30.67 0.80 54.74
C HIS D 49 31.89 1.00 55.64
N LYS D 50 32.24 -0.11 56.32
CA LYS D 50 33.27 -0.15 57.35
C LYS D 50 34.60 0.50 56.93
N PRO D 51 35.14 0.20 55.71
CA PRO D 51 36.39 0.89 55.30
C PRO D 51 36.34 2.43 55.18
N SER D 52 35.13 3.01 55.20
CA SER D 52 34.95 4.48 55.03
C SER D 52 34.21 5.16 56.19
N GLY D 53 33.46 4.37 56.96
CA GLY D 53 32.69 4.85 58.12
C GLY D 53 31.40 5.58 57.73
N LEU D 54 31.18 5.66 56.42
CA LEU D 54 30.06 6.37 55.83
C LEU D 54 28.80 5.53 55.87
N VAL D 55 27.69 6.20 56.13
CA VAL D 55 26.37 5.57 56.11
C VAL D 55 25.80 5.71 54.67
N MET D 56 25.22 4.61 54.18
CA MET D 56 24.73 4.53 52.83
C MET D 56 23.42 3.76 52.74
N ALA D 57 22.78 3.87 51.58
CA ALA D 57 21.61 3.05 51.32
C ALA D 57 22.05 1.99 50.36
N ARG D 58 21.61 0.78 50.64
CA ARG D 58 21.90 -0.37 49.81
C ARG D 58 20.60 -1.05 49.33
N LYS D 59 20.40 -1.02 48.02
CA LYS D 59 19.25 -1.66 47.37
C LYS D 59 19.70 -3.02 46.92
N LEU D 60 18.86 -4.03 47.08
CA LEU D 60 19.23 -5.40 46.72
C LEU D 60 18.24 -5.98 45.75
N ILE D 61 18.72 -6.36 44.57
CA ILE D 61 17.81 -6.95 43.58
C ILE D 61 17.99 -8.48 43.45
N HIS D 62 16.85 -9.18 43.51
CA HIS D 62 16.74 -10.66 43.55
C HIS D 62 17.32 -11.37 42.34
N LEU D 63 17.04 -10.85 41.14
CA LEU D 63 17.52 -11.43 39.88
C LEU D 63 19.04 -11.36 39.75
N LYS D 66 23.10 -15.50 33.77
CA LYS D 66 24.42 -16.06 33.47
C LYS D 66 25.55 -15.28 34.17
N PRO D 67 26.74 -15.93 34.38
CA PRO D 67 27.96 -15.16 34.75
C PRO D 67 28.69 -14.57 33.54
N ALA D 68 28.33 -15.04 32.35
CA ALA D 68 28.97 -14.62 31.09
C ALA D 68 28.58 -13.18 30.75
N ILE D 69 27.26 -12.96 30.60
CA ILE D 69 26.68 -11.63 30.33
C ILE D 69 27.00 -10.68 31.48
N ARG D 70 26.71 -11.16 32.71
CA ARG D 70 26.83 -10.42 33.98
C ARG D 70 27.83 -9.26 34.03
N ASN D 71 29.06 -9.48 33.56
CA ASN D 71 30.07 -8.43 33.68
C ASN D 71 29.66 -7.12 33.00
N GLN D 72 29.36 -7.18 31.70
CA GLN D 72 29.00 -5.98 30.97
C GLN D 72 27.61 -5.43 31.31
N ILE D 73 26.76 -6.27 31.93
CA ILE D 73 25.50 -5.80 32.52
C ILE D 73 25.77 -4.76 33.60
N ILE D 74 26.62 -5.09 34.56
CA ILE D 74 26.94 -4.15 35.64
C ILE D 74 27.64 -2.93 35.08
N ARG D 75 28.41 -3.13 34.02
CA ARG D 75 29.14 -2.04 33.39
C ARG D 75 28.15 -0.95 32.92
N GLU D 76 27.05 -1.35 32.24
CA GLU D 76 26.06 -0.37 31.75
C GLU D 76 25.24 0.20 32.93
N LEU D 77 25.04 -0.66 33.94
CA LEU D 77 24.39 -0.24 35.19
C LEU D 77 25.19 0.86 35.88
N GLN D 78 26.51 0.75 35.83
CA GLN D 78 27.36 1.82 36.29
C GLN D 78 27.27 3.12 35.47
N VAL D 79 26.88 3.03 34.19
CA VAL D 79 26.86 4.20 33.32
C VAL D 79 25.53 4.91 33.48
N LEU D 80 24.47 4.13 33.56
CA LEU D 80 23.11 4.63 33.75
C LEU D 80 22.93 5.35 35.09
N HIS D 81 23.53 4.82 36.16
CA HIS D 81 23.30 5.30 37.53
C HIS D 81 24.27 6.38 37.96
N GLU D 82 25.36 6.56 37.21
CA GLU D 82 26.27 7.70 37.37
C GLU D 82 25.60 8.93 36.79
N CYS D 83 25.14 9.81 37.67
CA CYS D 83 24.63 11.12 37.30
C CYS D 83 25.34 12.19 38.11
N ASN D 84 25.26 13.41 37.63
CA ASN D 84 25.84 14.50 38.37
C ASN D 84 24.82 15.66 38.50
N SER D 85 23.83 15.43 39.37
CA SER D 85 22.75 16.38 39.61
C SER D 85 22.50 16.49 41.06
N PRO D 86 22.13 17.69 41.52
CA PRO D 86 21.74 17.94 42.92
C PRO D 86 20.33 17.48 43.24
N TYR D 87 19.69 16.83 42.24
CA TYR D 87 18.28 16.42 42.21
C TYR D 87 18.12 14.97 41.82
N ILE D 88 19.23 14.27 41.64
CA ILE D 88 19.22 12.81 41.44
C ILE D 88 20.07 12.34 42.58
N VAL D 89 19.62 11.30 43.27
CA VAL D 89 20.32 10.86 44.50
C VAL D 89 21.71 10.35 44.15
N GLY D 90 22.73 10.82 44.84
CA GLY D 90 24.10 10.34 44.63
C GLY D 90 24.26 8.80 44.59
N PHE D 91 25.12 8.34 43.67
CA PHE D 91 25.38 6.91 43.45
C PHE D 91 26.80 6.52 43.91
N TYR D 92 26.90 5.46 44.72
CA TYR D 92 28.22 4.96 45.15
C TYR D 92 28.80 3.93 44.19
N GLY D 93 28.03 2.90 43.90
CA GLY D 93 28.48 1.91 42.96
C GLY D 93 27.59 0.71 42.98
N ALA D 94 27.94 -0.24 42.12
CA ALA D 94 27.25 -1.50 42.13
C ALA D 94 28.21 -2.68 42.02
N PHE D 95 27.70 -3.86 42.33
CA PHE D 95 28.46 -5.11 42.24
C PHE D 95 27.50 -6.27 42.36
N TYR D 96 27.96 -7.44 41.91
CA TYR D 96 27.22 -8.68 42.07
C TYR D 96 27.71 -9.48 43.27
N SER D 97 26.83 -10.31 43.84
CA SER D 97 27.17 -11.19 44.97
C SER D 97 26.09 -12.24 45.24
N ASP D 98 26.48 -13.51 45.15
CA ASP D 98 25.64 -14.69 45.49
C ASP D 98 24.21 -14.66 44.93
N GLY D 99 24.08 -14.14 43.71
CA GLY D 99 22.79 -14.05 43.04
C GLY D 99 22.07 -12.73 43.27
N GLU D 100 22.82 -11.68 43.57
CA GLU D 100 22.25 -10.40 44.01
C GLU D 100 23.05 -9.19 43.53
N ILE D 101 22.34 -8.23 42.91
CA ILE D 101 22.92 -6.91 42.52
C ILE D 101 22.62 -5.89 43.61
N SER D 102 23.62 -5.07 43.90
CA SER D 102 23.51 -4.07 44.96
C SER D 102 23.87 -2.69 44.42
N ILE D 103 22.87 -1.83 44.34
CA ILE D 103 23.17 -0.42 44.14
C ILE D 103 23.40 0.19 45.50
N CYS D 104 24.50 0.89 45.58
CA CYS D 104 24.86 1.53 46.80
C CYS D 104 24.77 2.98 46.51
N MET D 105 24.05 3.69 47.36
CA MET D 105 23.74 5.10 47.09
C MET D 105 23.76 5.95 48.34
N GLU D 106 23.75 7.27 48.11
CA GLU D 106 23.57 8.31 49.15
C GLU D 106 22.38 8.01 50.05
N HIS D 107 22.56 8.13 51.35
CA HIS D 107 21.43 7.95 52.28
C HIS D 107 20.71 9.28 52.45
N MET D 108 19.41 9.22 52.27
CA MET D 108 18.56 10.38 52.49
C MET D 108 17.77 10.17 53.80
N ASP D 109 18.20 10.89 54.85
CA ASP D 109 17.58 10.73 56.16
C ASP D 109 16.12 11.21 56.24
N GLY D 110 15.65 11.90 55.22
CA GLY D 110 14.22 12.20 55.13
C GLY D 110 13.36 11.01 54.77
N GLY D 111 13.91 10.06 54.01
CA GLY D 111 13.15 8.93 53.51
C GLY D 111 12.42 9.44 52.28
N SER D 112 11.36 8.73 51.88
CA SER D 112 10.63 9.06 50.66
C SER D 112 9.33 9.83 50.95
N LEU D 113 8.79 10.61 50.00
CA LEU D 113 7.61 11.42 50.30
C LEU D 113 6.35 10.60 50.61
N ASP D 114 6.28 9.32 50.24
CA ASP D 114 5.10 8.56 50.67
C ASP D 114 5.11 8.24 52.19
N GLN D 115 6.32 8.28 52.78
CA GLN D 115 6.55 8.12 54.19
C GLN D 115 6.28 9.47 54.90
N VAL D 116 6.95 10.54 54.47
CA VAL D 116 6.67 11.89 54.94
C VAL D 116 5.14 12.18 54.97
N LEU D 117 4.41 11.76 53.94
CA LEU D 117 2.95 11.98 53.86
C LEU D 117 2.15 11.25 54.94
N LYS D 118 2.53 10.00 55.24
CA LYS D 118 1.83 9.24 56.26
C LYS D 118 1.98 9.97 57.59
N LYS D 119 3.18 10.48 57.82
CA LYS D 119 3.45 11.27 59.00
C LYS D 119 2.90 12.71 58.98
N ALA D 120 2.61 13.26 57.81
CA ALA D 120 2.21 14.69 57.76
C ALA D 120 0.73 14.90 57.59
N GLY D 121 0.04 13.86 57.15
CA GLY D 121 -1.35 13.98 56.75
C GLY D 121 -1.38 14.63 55.38
N ARG D 122 -1.09 15.89 55.35
CA ARG D 122 -1.07 16.57 54.11
C ARG D 122 0.25 17.25 54.07
N ILE D 123 0.71 17.57 52.85
CA ILE D 123 1.91 18.37 52.72
C ILE D 123 1.51 19.77 52.28
N PRO D 124 1.98 20.81 52.97
CA PRO D 124 1.45 22.10 52.60
C PRO D 124 1.82 22.51 51.18
N GLU D 125 0.91 23.21 50.50
CA GLU D 125 1.24 23.89 49.22
C GLU D 125 2.66 24.49 48.98
N GLN D 126 3.20 25.27 49.91
CA GLN D 126 4.52 25.85 49.69
C GLN D 126 5.65 24.83 49.63
N ILE D 127 5.49 23.76 50.41
CA ILE D 127 6.46 22.70 50.44
C ILE D 127 6.34 21.97 49.12
N LEU D 128 5.10 21.81 48.64
CA LEU D 128 4.87 21.16 47.35
C LEU D 128 5.40 21.99 46.16
N GLY D 129 5.51 23.29 46.35
CA GLY D 129 6.24 24.15 45.44
C GLY D 129 7.68 23.76 45.31
N LYS D 130 8.38 23.67 46.44
CA LYS D 130 9.78 23.22 46.41
C LYS D 130 9.89 21.81 45.81
N VAL D 131 9.02 20.90 46.21
CA VAL D 131 9.01 19.56 45.60
C VAL D 131 8.89 19.65 44.07
N SER D 132 7.77 20.23 43.60
CA SER D 132 7.48 20.51 42.18
C SER D 132 8.67 20.97 41.38
N ILE D 133 9.33 22.03 41.87
CA ILE D 133 10.59 22.51 41.34
C ILE D 133 11.62 21.39 41.14
N ALA D 134 11.97 20.67 42.20
CA ALA D 134 13.04 19.69 42.15
C ALA D 134 12.72 18.62 41.12
N VAL D 135 11.48 18.15 41.09
CA VAL D 135 11.12 17.07 40.14
C VAL D 135 11.28 17.62 38.74
N ILE D 136 10.69 18.80 38.50
CA ILE D 136 10.82 19.49 37.21
C ILE D 136 12.28 19.52 36.75
N LYS D 137 13.17 20.05 37.60
CA LYS D 137 14.61 20.13 37.35
C LYS D 137 15.25 18.76 37.13
N GLY D 138 14.86 17.80 37.96
CA GLY D 138 15.40 16.47 37.92
C GLY D 138 15.06 15.81 36.62
N LEU D 139 13.77 15.83 36.25
CA LEU D 139 13.32 15.31 34.97
C LEU D 139 13.96 16.03 33.79
N THR D 140 14.32 17.32 33.96
CA THR D 140 15.07 18.06 32.94
C THR D 140 16.42 17.42 32.71
N TYR D 141 17.22 17.35 33.77
CA TYR D 141 18.56 16.74 33.70
C TYR D 141 18.50 15.36 33.02
N LEU D 142 17.53 14.54 33.37
CA LEU D 142 17.44 13.19 32.82
C LEU D 142 17.05 13.12 31.33
N ARG D 143 16.56 14.25 30.81
CA ARG D 143 16.20 14.38 29.41
C ARG D 143 17.52 14.70 28.74
N GLU D 144 18.12 15.82 29.12
CA GLU D 144 19.43 16.22 28.67
C GLU D 144 20.36 15.02 28.55
N LYS D 145 20.34 14.14 29.55
CA LYS D 145 21.26 13.00 29.56
C LYS D 145 20.68 11.71 28.98
N HIS D 146 19.52 11.79 28.33
CA HIS D 146 18.86 10.63 27.69
C HIS D 146 18.69 9.42 28.65
N LYS D 147 18.22 9.69 29.86
CA LYS D 147 18.03 8.65 30.85
C LYS D 147 16.57 8.54 31.36
N ILE D 148 15.70 9.38 30.81
CA ILE D 148 14.32 9.46 31.23
C ILE D 148 13.61 8.13 31.19
N MET D 149 14.00 7.26 30.25
CA MET D 149 13.16 6.08 29.94
C MET D 149 13.05 5.10 31.11
N HIS D 150 13.93 5.27 32.09
CA HIS D 150 14.00 4.39 33.26
C HIS D 150 13.48 5.06 34.52
N ARG D 151 13.25 6.37 34.45
CA ARG D 151 12.69 7.18 35.54
C ARG D 151 11.17 7.44 35.49
N ASP D 152 10.42 6.79 36.37
CA ASP D 152 9.05 7.23 36.66
C ASP D 152 9.04 8.16 37.87
N VAL D 153 7.91 8.82 38.11
CA VAL D 153 7.71 9.67 39.31
C VAL D 153 6.54 9.09 40.11
N LYS D 154 6.75 8.89 41.40
CA LYS D 154 5.63 8.73 42.30
C LYS D 154 6.12 9.14 43.69
N PRO D 155 5.21 9.30 44.67
CA PRO D 155 5.66 9.75 46.01
C PRO D 155 6.75 8.88 46.65
N SER D 156 6.70 7.55 46.43
CA SER D 156 7.78 6.65 46.91
C SER D 156 9.12 6.79 46.22
N ASN D 157 9.16 7.52 45.09
CA ASN D 157 10.41 7.83 44.33
C ASN D 157 11.03 9.21 44.53
N ILE D 158 10.41 10.07 45.32
CA ILE D 158 11.02 11.37 45.60
C ILE D 158 11.52 11.29 47.03
N LEU D 159 12.80 11.64 47.20
CA LEU D 159 13.50 11.46 48.47
C LEU D 159 13.84 12.80 49.00
N VAL D 160 13.74 12.93 50.32
CA VAL D 160 14.06 14.18 50.98
C VAL D 160 15.09 13.95 52.08
N ASN D 161 15.73 15.02 52.51
CA ASN D 161 16.65 14.95 53.62
C ASN D 161 16.65 16.21 54.46
N SER D 162 17.10 16.05 55.70
CA SER D 162 17.31 17.16 56.62
C SER D 162 18.17 18.36 56.14
N ARG D 163 18.75 18.32 54.92
CA ARG D 163 19.48 19.51 54.45
C ARG D 163 18.53 20.37 53.60
N GLY D 164 17.27 19.92 53.45
CA GLY D 164 16.31 20.62 52.58
C GLY D 164 16.42 20.20 51.11
N GLU D 165 17.21 19.16 50.86
CA GLU D 165 17.36 18.62 49.52
C GLU D 165 16.24 17.63 49.26
N ILE D 166 15.69 17.75 48.05
CA ILE D 166 14.69 16.85 47.48
C ILE D 166 15.41 16.37 46.25
N LYS D 167 15.34 15.06 46.01
CA LYS D 167 16.08 14.39 44.92
C LYS D 167 15.27 13.21 44.40
N LEU D 168 15.39 12.88 43.12
CA LEU D 168 14.70 11.67 42.61
C LEU D 168 15.54 10.49 42.96
N CYS D 169 14.91 9.37 43.30
CA CYS D 169 15.74 8.26 43.72
C CYS D 169 16.38 7.59 42.50
N ASP D 170 17.29 6.65 42.77
CA ASP D 170 18.00 5.99 41.71
C ASP D 170 17.06 5.04 40.97
N PHE D 171 17.44 4.69 39.74
CA PHE D 171 16.58 3.94 38.85
C PHE D 171 16.35 2.54 39.38
N GLY D 172 15.11 2.09 39.20
CA GLY D 172 14.76 0.69 39.19
C GLY D 172 15.53 -0.01 38.09
N VAL D 173 16.05 -1.17 38.47
CA VAL D 173 17.03 -1.90 37.71
C VAL D 173 16.43 -3.02 36.87
N SER D 174 15.22 -3.46 37.24
CA SER D 174 14.52 -4.53 36.50
C SER D 174 14.42 -4.15 35.03
N GLY D 175 14.02 -2.89 34.78
CA GLY D 175 13.82 -2.29 33.45
C GLY D 175 15.01 -2.41 32.53
N GLN D 176 16.20 -2.01 33.02
CA GLN D 176 17.43 -2.26 32.30
C GLN D 176 17.56 -3.73 31.91
N LEU D 177 17.38 -4.64 32.87
CA LEU D 177 17.63 -6.06 32.64
C LEU D 177 16.64 -6.60 31.65
N ILE D 178 15.39 -6.21 31.81
CA ILE D 178 14.33 -6.47 30.82
C ILE D 178 14.75 -6.00 29.41
N ASP D 179 15.33 -4.79 29.31
CA ASP D 179 15.84 -4.25 28.06
C ASP D 179 16.95 -5.07 27.45
N ASP D 180 17.90 -5.49 28.30
CA ASP D 180 19.04 -6.27 27.84
C ASP D 180 18.59 -7.64 27.36
N MET D 181 17.68 -8.27 28.09
CA MET D 181 17.25 -9.59 27.71
C MET D 181 16.45 -9.55 26.45
N ALA D 182 15.71 -8.47 26.26
CA ALA D 182 14.74 -8.33 25.17
C ALA D 182 15.39 -7.94 23.82
N ASN D 183 16.67 -7.60 23.89
CA ASN D 183 17.46 -7.13 22.76
C ASN D 183 18.77 -7.91 22.60
N ASP D 184 19.53 -7.64 21.54
CA ASP D 184 20.86 -8.21 21.42
C ASP D 184 21.73 -7.37 22.31
N PHE D 185 21.92 -7.89 23.52
CA PHE D 185 22.74 -7.24 24.55
C PHE D 185 24.22 -7.09 24.14
N VAL D 186 24.85 -8.23 23.74
CA VAL D 186 26.29 -8.31 23.36
C VAL D 186 26.62 -7.51 22.12
N GLY D 187 25.86 -7.71 21.05
CA GLY D 187 26.03 -6.92 19.82
C GLY D 187 25.59 -5.48 19.96
N THR D 188 24.87 -5.17 21.06
CA THR D 188 24.17 -3.89 21.27
C THR D 188 23.35 -3.47 20.02
N ARG D 189 22.22 -4.16 19.83
CA ARG D 189 21.36 -3.94 18.69
C ARG D 189 19.92 -4.12 19.20
N SER D 190 19.00 -3.26 18.72
CA SER D 190 17.59 -3.39 19.02
C SER D 190 16.72 -3.22 17.77
N TYR D 191 15.86 -4.18 17.50
CA TYR D 191 14.99 -4.08 16.34
C TYR D 191 13.58 -3.59 16.70
N MET D 192 13.41 -3.06 17.91
CA MET D 192 12.12 -2.55 18.37
C MET D 192 11.79 -1.24 17.63
N SER D 193 10.52 -1.01 17.25
CA SER D 193 10.10 0.22 16.55
C SER D 193 10.06 1.36 17.55
N PRO D 194 10.15 2.61 17.08
CA PRO D 194 10.28 3.68 18.07
C PRO D 194 9.02 3.86 18.91
N GLU D 195 7.86 3.51 18.36
CA GLU D 195 6.60 3.59 19.10
C GLU D 195 6.41 2.50 20.11
N ARG D 196 7.04 1.35 19.88
CA ARG D 196 6.94 0.23 20.81
C ARG D 196 7.86 0.57 21.97
N LEU D 197 8.96 1.23 21.65
CA LEU D 197 9.98 1.53 22.61
C LEU D 197 9.47 2.53 23.63
N GLN D 198 9.14 3.73 23.14
CA GLN D 198 8.48 4.78 23.94
C GLN D 198 7.15 4.18 24.05
N GLY D 199 6.60 4.13 25.24
CA GLY D 199 5.29 3.50 25.33
C GLY D 199 5.38 2.11 25.86
N THR D 200 6.60 1.63 25.98
CA THR D 200 6.93 0.49 26.81
C THR D 200 7.87 0.95 27.91
N HIS D 201 8.24 2.24 27.86
CA HIS D 201 9.14 2.92 28.81
C HIS D 201 8.47 4.21 29.30
N TYR D 202 9.15 4.95 30.16
CA TYR D 202 8.65 6.25 30.62
C TYR D 202 9.09 7.37 29.69
N SER D 203 8.22 8.37 29.54
CA SER D 203 8.56 9.62 28.84
C SER D 203 8.50 10.78 29.77
N VAL D 204 8.93 11.92 29.27
CA VAL D 204 8.72 13.15 30.01
C VAL D 204 7.22 13.45 30.14
N GLN D 205 6.44 13.24 29.09
CA GLN D 205 5.00 13.56 29.20
C GLN D 205 4.33 12.76 30.29
N SER D 206 4.64 11.47 30.30
CA SER D 206 4.10 10.55 31.25
C SER D 206 4.51 10.88 32.65
N ASP D 207 5.79 11.18 32.86
CA ASP D 207 6.25 11.55 34.17
C ASP D 207 5.55 12.80 34.70
N ILE D 208 5.21 13.72 33.79
CA ILE D 208 4.47 14.94 34.15
C ILE D 208 3.10 14.57 34.70
N TRP D 209 2.40 13.66 34.01
CA TRP D 209 1.15 13.15 34.55
C TRP D 209 1.38 12.71 35.98
N SER D 210 2.36 11.83 36.18
CA SER D 210 2.66 11.27 37.49
C SER D 210 2.94 12.29 38.58
N MET D 211 3.72 13.30 38.21
CA MET D 211 4.01 14.41 39.10
C MET D 211 2.71 15.10 39.52
N GLY D 212 1.77 15.25 38.60
CA GLY D 212 0.55 15.98 38.94
C GLY D 212 -0.27 15.16 39.88
N LEU D 213 -0.39 13.88 39.58
CA LEU D 213 -1.16 12.95 40.36
C LEU D 213 -0.53 12.79 41.75
N SER D 214 0.79 12.81 41.82
CA SER D 214 1.51 12.80 43.08
C SER D 214 1.28 14.07 43.87
N LEU D 215 1.33 15.22 43.22
CA LEU D 215 1.04 16.46 43.91
C LEU D 215 -0.43 16.46 44.40
N VAL D 216 -1.35 15.92 43.62
CA VAL D 216 -2.70 15.95 44.12
C VAL D 216 -2.79 15.08 45.37
N GLU D 217 -2.25 13.87 45.29
CA GLU D 217 -2.24 12.94 46.41
C GLU D 217 -1.59 13.51 47.65
N MET D 218 -0.45 14.15 47.50
CA MET D 218 0.23 14.68 48.64
C MET D 218 -0.52 15.86 49.23
N ALA D 219 -1.28 16.56 48.39
CA ALA D 219 -1.93 17.80 48.79
C ALA D 219 -3.21 17.53 49.55
N VAL D 220 -3.96 16.54 49.12
CA VAL D 220 -5.24 16.26 49.75
C VAL D 220 -5.08 15.21 50.83
N GLY D 221 -4.00 14.43 50.73
CA GLY D 221 -3.69 13.49 51.77
C GLY D 221 -4.08 12.08 51.52
N ARG D 222 -4.61 11.78 50.33
CA ARG D 222 -4.84 10.39 49.87
C ARG D 222 -4.72 10.24 48.35
N TYR D 223 -4.47 9.02 47.89
CA TYR D 223 -4.48 8.72 46.45
C TYR D 223 -5.83 9.17 45.88
N PRO D 224 -5.84 10.15 44.95
CA PRO D 224 -7.08 10.80 44.58
C PRO D 224 -7.91 10.18 43.42
N ILE D 225 -7.84 8.85 43.20
CA ILE D 225 -8.34 8.40 41.91
C ILE D 225 -9.82 8.10 41.73
N PRO D 226 -10.49 7.61 42.78
CA PRO D 226 -11.90 7.98 42.72
C PRO D 226 -11.99 9.38 43.39
N PRO D 227 -12.05 10.50 42.61
CA PRO D 227 -11.86 11.79 43.29
C PRO D 227 -12.89 11.96 44.41
N PRO D 228 -12.50 12.59 45.55
CA PRO D 228 -13.39 12.60 46.73
C PRO D 228 -14.77 13.18 46.42
N ASP D 229 -15.84 12.55 46.91
CA ASP D 229 -17.20 13.10 46.77
C ASP D 229 -17.31 14.41 47.57
N ALA D 230 -18.01 15.40 47.01
CA ALA D 230 -18.01 16.80 47.52
C ALA D 230 -18.37 17.01 49.01
N LYS D 231 -18.84 15.94 49.67
CA LYS D 231 -19.15 15.90 51.11
C LYS D 231 -18.08 15.17 51.96
N GLU D 232 -17.32 14.28 51.34
CA GLU D 232 -16.13 13.66 51.95
C GLU D 232 -14.90 14.57 51.83
N LEU D 233 -14.91 15.44 50.81
CA LEU D 233 -13.93 16.53 50.67
C LEU D 233 -14.20 17.67 51.67
N GLU D 234 -15.48 17.95 51.95
CA GLU D 234 -15.91 18.86 53.03
C GLU D 234 -15.51 18.34 54.42
N LEU D 235 -15.48 17.00 54.55
CA LEU D 235 -15.00 16.25 55.70
C LEU D 235 -13.46 16.23 55.87
N MET D 236 -12.73 16.64 54.82
CA MET D 236 -11.26 16.82 54.85
C MET D 236 -10.82 18.27 55.20
N PHE D 237 -11.44 19.24 54.52
CA PHE D 237 -11.11 20.67 54.68
C PHE D 237 -12.36 21.43 55.14
N ALA D 271 -11.00 -1.79 43.58
CA ALA D 271 -10.62 -2.82 42.63
C ALA D 271 -9.68 -2.26 41.56
N ILE D 272 -8.48 -2.82 41.49
CA ILE D 272 -7.37 -2.35 40.61
C ILE D 272 -7.65 -2.32 39.09
N PHE D 273 -8.48 -3.25 38.61
CA PHE D 273 -8.84 -3.33 37.19
C PHE D 273 -9.80 -2.21 36.75
N GLU D 274 -10.84 -1.94 37.56
CA GLU D 274 -11.81 -0.85 37.36
C GLU D 274 -11.15 0.54 37.53
N LEU D 275 -10.12 0.55 38.37
CA LEU D 275 -9.31 1.73 38.66
C LEU D 275 -8.66 2.31 37.40
N LEU D 276 -8.02 1.45 36.60
CA LEU D 276 -7.34 1.90 35.38
C LEU D 276 -8.34 2.26 34.28
N ASP D 277 -9.49 1.59 34.29
CA ASP D 277 -10.64 1.99 33.48
C ASP D 277 -11.09 3.41 33.89
N TYR D 278 -11.26 3.66 35.19
CA TYR D 278 -11.52 5.02 35.72
C TYR D 278 -10.53 6.09 35.26
N ILE D 279 -9.24 5.75 35.15
CA ILE D 279 -8.22 6.71 34.69
C ILE D 279 -8.41 7.10 33.23
N VAL D 280 -8.50 6.09 32.36
CA VAL D 280 -8.69 6.33 30.91
C VAL D 280 -10.07 6.90 30.55
N ASN D 281 -11.10 6.44 31.24
CA ASN D 281 -12.50 6.78 30.92
C ASN D 281 -13.03 8.04 31.59
N GLU D 282 -12.67 8.23 32.86
CA GLU D 282 -13.24 9.31 33.66
C GLU D 282 -12.24 10.45 33.86
N PRO D 283 -12.72 11.72 33.83
CA PRO D 283 -11.88 12.92 33.94
C PRO D 283 -10.77 12.90 35.00
N PRO D 284 -9.67 13.62 34.72
CA PRO D 284 -8.53 13.73 35.60
C PRO D 284 -8.92 14.19 37.01
N PRO D 285 -8.09 13.87 38.04
CA PRO D 285 -8.35 14.44 39.35
C PRO D 285 -8.05 15.94 39.36
N LYS D 286 -8.53 16.61 40.40
CA LYS D 286 -8.28 18.03 40.57
C LYS D 286 -8.02 18.33 42.02
N LEU D 287 -7.27 19.40 42.30
CA LEU D 287 -7.23 19.96 43.67
C LEU D 287 -8.55 20.68 43.96
N PRO D 288 -9.08 20.58 45.20
CA PRO D 288 -10.25 21.40 45.57
C PRO D 288 -9.92 22.89 45.56
N SER D 289 -10.90 23.70 45.18
CA SER D 289 -10.73 25.15 45.13
C SER D 289 -11.02 25.74 46.50
N GLY D 290 -10.52 26.96 46.70
CA GLY D 290 -10.63 27.60 48.00
C GLY D 290 -9.39 27.34 48.82
N VAL D 291 -9.17 26.06 49.13
CA VAL D 291 -8.05 25.68 49.99
C VAL D 291 -6.70 25.47 49.29
N PHE D 292 -6.57 25.93 48.05
CA PHE D 292 -5.28 25.94 47.33
C PHE D 292 -5.26 27.12 46.42
N SER D 293 -4.08 27.67 46.16
CA SER D 293 -4.00 28.85 45.35
C SER D 293 -4.46 28.63 43.89
N LEU D 294 -4.47 29.69 43.10
CA LEU D 294 -4.94 29.56 41.73
C LEU D 294 -3.79 29.03 40.91
N GLU D 295 -2.62 29.57 41.17
CA GLU D 295 -1.42 29.16 40.49
C GLU D 295 -1.15 27.68 40.65
N PHE D 296 -1.25 27.17 41.88
CA PHE D 296 -1.13 25.72 42.15
C PHE D 296 -2.18 24.89 41.40
N GLN D 297 -3.43 25.32 41.47
CA GLN D 297 -4.53 24.62 40.83
C GLN D 297 -4.40 24.47 39.31
N ASP D 298 -3.80 25.48 38.68
CA ASP D 298 -3.58 25.51 37.25
C ASP D 298 -2.46 24.55 36.89
N PHE D 299 -1.39 24.63 37.69
CA PHE D 299 -0.18 23.82 37.50
C PHE D 299 -0.51 22.33 37.48
N VAL D 300 -1.29 21.84 38.44
CA VAL D 300 -1.59 20.40 38.44
C VAL D 300 -2.55 20.10 37.30
N ASN D 301 -3.39 21.06 36.96
CA ASN D 301 -4.32 20.93 35.85
C ASN D 301 -3.66 20.81 34.48
N LYS D 302 -2.66 21.65 34.26
CA LYS D 302 -1.80 21.58 33.11
C LYS D 302 -1.07 20.24 33.08
N CYS D 303 -0.57 19.78 34.26
CA CYS D 303 0.05 18.46 34.39
C CYS D 303 -0.87 17.31 34.12
N LEU D 304 -2.17 17.48 34.36
CA LEU D 304 -3.11 16.34 34.33
C LEU D 304 -4.08 16.22 33.15
N ILE D 305 -3.75 16.85 32.02
CA ILE D 305 -4.55 16.63 30.79
C ILE D 305 -4.27 15.23 30.21
N LYS D 306 -5.35 14.43 30.02
CA LYS D 306 -5.31 13.03 29.50
C LYS D 306 -4.59 12.92 28.16
N ASN D 307 -4.52 14.04 27.44
CA ASN D 307 -3.87 14.06 26.17
C ASN D 307 -2.43 14.56 26.21
N PRO D 308 -1.47 13.66 25.92
CA PRO D 308 -0.04 13.92 26.07
C PRO D 308 0.40 15.11 25.27
N ALA D 309 -0.30 15.34 24.15
CA ALA D 309 0.14 16.34 23.17
C ALA D 309 -0.28 17.72 23.65
N GLU D 310 -1.52 17.79 24.13
CA GLU D 310 -2.04 18.98 24.80
C GLU D 310 -1.35 19.25 26.15
N ARG D 311 -1.04 18.21 26.93
CA ARG D 311 -0.39 18.34 28.27
C ARG D 311 0.87 19.25 28.31
N ALA D 312 1.12 19.92 29.44
CA ALA D 312 2.29 20.79 29.53
C ALA D 312 3.54 19.95 29.40
N ASP D 313 4.61 20.55 28.89
CA ASP D 313 5.94 19.94 28.97
C ASP D 313 6.79 20.71 29.97
N LEU D 314 8.07 20.36 30.12
CA LEU D 314 8.92 20.92 31.17
C LEU D 314 9.43 22.32 30.86
N LYS D 315 9.03 22.90 29.75
CA LYS D 315 9.54 24.23 29.40
C LYS D 315 8.44 25.20 29.76
N GLN D 316 7.22 24.77 29.46
CA GLN D 316 5.97 25.37 29.86
C GLN D 316 5.81 25.46 31.39
N LEU D 317 6.25 24.40 32.08
CA LEU D 317 6.12 24.29 33.55
C LEU D 317 7.27 25.04 34.24
N MET D 318 8.49 24.95 33.70
CA MET D 318 9.65 25.64 34.30
C MET D 318 9.38 27.13 34.52
N VAL D 319 8.36 27.67 33.86
CA VAL D 319 8.09 29.14 33.87
C VAL D 319 6.74 29.59 34.45
N HIS D 320 5.83 28.62 34.58
CA HIS D 320 4.49 28.79 35.17
C HIS D 320 4.42 29.65 36.46
N ALA D 321 3.25 30.27 36.64
CA ALA D 321 2.97 31.21 37.72
C ALA D 321 3.37 30.60 39.08
N PHE D 322 2.90 29.35 39.27
CA PHE D 322 3.24 28.52 40.40
C PHE D 322 4.72 28.29 40.64
N ILE D 323 5.53 28.17 39.59
CA ILE D 323 6.97 27.89 39.76
C ILE D 323 7.76 29.13 40.15
N LYS D 324 7.48 30.25 39.49
CA LYS D 324 8.17 31.53 39.76
C LYS D 324 7.90 31.95 41.19
N ARG D 325 6.61 31.93 41.58
CA ARG D 325 6.20 32.13 42.97
C ARG D 325 6.94 31.23 43.93
N SER D 326 6.84 29.90 43.72
CA SER D 326 7.50 28.94 44.59
C SER D 326 9.03 29.09 44.68
N ASP D 327 9.68 29.50 43.60
CA ASP D 327 11.12 29.75 43.65
C ASP D 327 11.49 31.00 44.48
N ALA D 328 10.66 32.04 44.42
CA ALA D 328 10.90 33.30 45.17
C ALA D 328 10.58 33.18 46.67
N GLU D 329 9.71 32.23 47.05
CA GLU D 329 9.27 32.03 48.43
C GLU D 329 10.43 31.52 49.29
N GLU D 330 10.59 32.13 50.46
CA GLU D 330 11.62 31.70 51.40
C GLU D 330 10.94 30.77 52.41
N VAL D 331 11.06 29.46 52.17
CA VAL D 331 10.40 28.47 52.99
C VAL D 331 11.42 27.52 53.60
N ASP D 332 11.27 27.24 54.88
CA ASP D 332 12.26 26.43 55.59
C ASP D 332 11.81 24.96 55.49
N PHE D 333 12.05 24.36 54.34
CA PHE D 333 11.71 22.96 54.11
C PHE D 333 12.38 22.02 55.15
N ALA D 334 13.66 22.22 55.43
CA ALA D 334 14.40 21.36 56.35
C ALA D 334 13.80 21.41 57.78
N GLY D 335 13.23 22.56 58.12
CA GLY D 335 12.50 22.70 59.39
C GLY D 335 11.21 21.91 59.41
N TRP D 336 10.35 22.17 58.42
CA TRP D 336 9.10 21.52 58.30
C TRP D 336 9.36 20.01 58.32
N LEU D 337 10.39 19.56 57.59
CA LEU D 337 10.66 18.14 57.47
C LEU D 337 11.02 17.54 58.81
N CYS D 338 12.03 18.09 59.44
CA CYS D 338 12.49 17.50 60.69
C CYS D 338 11.38 17.44 61.72
N SER D 339 10.66 18.57 61.89
CA SER D 339 9.53 18.65 62.82
C SER D 339 8.54 17.55 62.56
N THR D 340 8.24 17.33 61.26
CA THR D 340 7.17 16.45 60.82
C THR D 340 7.55 15.01 61.08
N ILE D 341 8.82 14.70 60.94
CA ILE D 341 9.22 13.29 60.88
C ILE D 341 9.92 12.86 62.14
N GLY D 342 10.30 13.84 62.96
CA GLY D 342 10.95 13.62 64.24
C GLY D 342 12.45 13.50 64.11
N LEU D 343 13.13 14.52 63.55
CA LEU D 343 14.59 14.54 63.50
C LEU D 343 15.17 15.62 64.37
N ASN D 344 16.23 15.24 65.11
CA ASN D 344 16.90 16.02 66.19
C ASN D 344 16.01 16.24 67.43
PG ANP E . -20.32 -8.34 -18.70
O1G ANP E . -20.19 -7.31 -19.81
O2G ANP E . -21.72 -8.62 -18.16
O3G ANP E . -19.26 -8.31 -17.59
PB ANP E . -20.94 -11.00 -19.85
O1B ANP E . -22.34 -10.43 -19.75
O2B ANP E . -20.61 -11.81 -21.10
N3B ANP E . -19.81 -9.71 -19.66
PA ANP E . -21.09 -12.07 -17.20
O1A ANP E . -21.82 -10.76 -16.92
O2A ANP E . -19.88 -12.41 -16.37
O3A ANP E . -20.54 -12.07 -18.71
O5' ANP E . -22.10 -13.32 -17.25
C5' ANP E . -21.69 -14.55 -17.81
C4' ANP E . -22.89 -15.48 -18.04
O4' ANP E . -23.39 -15.87 -16.77
C3' ANP E . -24.04 -14.86 -18.82
O3' ANP E . -24.07 -15.40 -20.15
C2' ANP E . -25.28 -15.32 -18.12
O2' ANP E . -25.99 -16.23 -18.95
C1' ANP E . -24.79 -16.03 -16.86
N9 ANP E . -25.37 -15.27 -15.76
C8 ANP E . -24.94 -14.10 -15.29
N7 ANP E . -25.76 -13.66 -14.30
C5 ANP E . -26.72 -14.57 -14.13
C6 ANP E . -27.87 -14.73 -13.23
N6 ANP E . -28.13 -13.78 -12.31
N1 ANP E . -28.64 -15.83 -13.36
C2 ANP E . -28.36 -16.78 -14.27
N3 ANP E . -27.31 -16.70 -15.13
C4 ANP E . -26.47 -15.63 -15.10
MG MG F . -23.44 -10.31 -17.70
PG ANP G . 2.97 6.38 -23.94
O1G ANP G . 1.67 7.09 -23.77
O2G ANP G . 3.07 5.19 -23.03
O3G ANP G . 4.25 7.21 -23.96
PB ANP G . 3.75 4.12 -25.63
O1B ANP G . 3.87 3.81 -27.11
O2B ANP G . 3.17 3.08 -24.68
N3B ANP G . 2.89 5.64 -25.51
PA ANP G . 6.16 5.28 -26.03
O1A ANP G . 5.50 6.60 -26.33
O2A ANP G . 6.63 4.37 -27.15
O3A ANP G . 5.23 4.38 -25.10
O5' ANP G . 7.25 5.48 -24.85
C5' ANP G . 8.59 5.03 -24.98
C4' ANP G . 9.67 6.12 -25.10
O4' ANP G . 10.80 5.39 -25.54
C3' ANP G . 9.48 7.17 -26.21
O3' ANP G . 9.12 8.43 -25.69
C2' ANP G . 10.82 7.33 -26.86
O2' ANP G . 11.64 8.25 -26.13
C1' ANP G . 11.46 5.98 -26.66
N9 ANP G . 11.22 5.13 -27.84
C8 ANP G . 10.08 4.50 -28.15
N7 ANP G . 10.24 3.84 -29.32
C5 ANP G . 11.49 4.07 -29.75
C6 ANP G . 12.28 3.66 -30.89
N6 ANP G . 11.76 2.86 -31.84
N1 ANP G . 13.56 4.12 -30.98
C2 ANP G . 14.10 4.92 -30.05
N3 ANP G . 13.39 5.31 -29.00
C4 ANP G . 12.12 4.92 -28.78
PG ANP H . 15.44 -14.49 20.28
O1G ANP H . 14.84 -13.12 20.42
O2G ANP H . 14.94 -15.35 19.11
O3G ANP H . 15.48 -15.28 21.57
PB ANP H . 18.03 -14.97 18.91
O1B ANP H . 17.23 -15.21 17.68
O2B ANP H . 19.39 -14.32 18.79
N3B ANP H . 17.09 -14.01 20.00
PA ANP H . 17.87 -17.79 19.46
O1A ANP H . 16.45 -17.72 18.96
O2A ANP H . 18.26 -18.30 20.84
O3A ANP H . 18.48 -16.32 19.65
O5' ANP H . 18.68 -18.52 18.25
C5' ANP H . 20.12 -18.62 18.31
C4' ANP H . 20.70 -19.15 17.01
O4' ANP H . 20.10 -20.41 16.81
C3' ANP H . 20.30 -18.33 15.80
O3' ANP H . 21.40 -17.68 15.15
C2' ANP H . 19.67 -19.31 14.87
O2' ANP H . 20.10 -19.09 13.55
C1' ANP H . 19.97 -20.68 15.46
N9 ANP H . 18.73 -21.46 15.22
C8 ANP H . 17.56 -21.31 15.86
N7 ANP H . 16.60 -22.11 15.34
C5 ANP H . 17.16 -22.82 14.38
C6 ANP H . 16.72 -23.85 13.45
N6 ANP H . 15.44 -24.26 13.51
N1 ANP H . 17.60 -24.35 12.56
C2 ANP H . 18.86 -23.94 12.52
N3 ANP H . 19.34 -23.00 13.35
C4 ANP H . 18.55 -22.40 14.28
MG MG I . 15.90 -16.72 17.37
PG ANP J . 10.28 1.29 42.77
O1G ANP J . 9.84 2.38 41.83
O2G ANP J . 9.89 -0.11 42.34
O3G ANP J . 9.97 1.57 44.24
PB ANP J . 12.99 0.31 43.57
O1B ANP J . 14.43 0.35 43.09
O2B ANP J . 12.30 -1.01 43.74
N3B ANP J . 12.00 1.30 42.54
PA ANP J . 12.91 2.51 45.44
O1A ANP J . 11.64 3.20 44.96
O2A ANP J . 14.28 3.13 45.12
O3A ANP J . 12.91 0.94 45.06
O5' ANP J . 12.97 2.15 47.02
C5' ANP J . 11.79 1.89 47.79
C4' ANP J . 11.80 2.72 49.09
O4' ANP J . 13.08 2.62 49.67
C3' ANP J . 11.66 4.22 48.93
O3' ANP J . 10.27 4.51 48.95
C2' ANP J . 12.36 4.75 50.15
O2' ANP J . 11.46 4.66 51.28
C1' ANP J . 13.49 3.77 50.37
N9 ANP J . 14.77 4.27 49.79
C8 ANP J . 15.26 4.01 48.56
N7 ANP J . 16.45 4.67 48.34
C5 ANP J . 16.70 5.35 49.46
C6 ANP J . 17.74 6.25 49.92
N6 ANP J . 18.77 6.54 49.12
N1 ANP J . 17.65 6.79 51.16
C2 ANP J . 16.62 6.51 52.00
N3 ANP J . 15.61 5.70 51.62
C4 ANP J . 15.61 5.10 50.40
#